data_7T7M
#
_entry.id   7T7M
#
_cell.length_a   95.490
_cell.length_b   128.730
_cell.length_c   132.500
_cell.angle_alpha   90.000
_cell.angle_beta   90.000
_cell.angle_gamma   90.000
#
_symmetry.space_group_name_H-M   'P 21 21 21'
#
loop_
_entity.id
_entity.type
_entity.pdbx_description
1 polymer 'Histone-lysine N-methyltransferase EHMT1'
2 non-polymer 'ZINC ION'
3 non-polymer N-(6-methoxy-4-{[1-(propan-2-yl)piperidin-4-yl]amino}-7-[3-(pyrrolidin-1-yl)propoxy]quinazolin-2-yl)prop-2-enamide
4 non-polymer N-(6-methoxy-4-{[1-(propan-2-yl)piperidin-4-yl]amino}-7-[3-(pyrrolidin-1-yl)propoxy]quinazolin-2-yl)propanamide
5 water water
#
_entity_poly.entity_id   1
_entity_poly.type   'polypeptide(L)'
_entity_poly.pdbx_seq_one_letter_code
;GSNSQVWSALQMSKALQDSAPDRPSPVERIVSRDIARGYERIPIPCVNAVDSEPCPSNYKYVSQNCVTSPMNIDRNITHL
QYCVCIDDCSSSNCMCGQLSMRCWYDKDGRLLPEFNMAEPPLIFECNHACSCWRNCRNRVVQNGLRARLQLYRTRDMGWG
VRSLQDIPPGTFVCEYVGELISDSEADVREEDSYLFDLDNKDGEVYCIDARFYGNVSRFINHHCEPNLVPVRVFMAHQDL
RFPRIAFFSTRLIEAGEQLGFDYGERFWDIKGKLFSCRCGSPKCRHS
;
_entity_poly.pdbx_strand_id   A,B,C,D
#
# COMPACT_ATOMS: atom_id res chain seq x y z
N VAL A 27 18.78 -16.01 -5.78
CA VAL A 27 17.91 -15.66 -4.66
C VAL A 27 17.72 -14.15 -4.59
N GLU A 28 16.67 -13.72 -3.87
CA GLU A 28 16.27 -12.31 -3.78
C GLU A 28 16.87 -11.70 -2.51
N ARG A 29 17.85 -10.81 -2.70
CA ARG A 29 18.44 -10.08 -1.59
C ARG A 29 17.54 -8.90 -1.20
N ILE A 30 17.31 -8.74 0.10
CA ILE A 30 16.61 -7.57 0.62
C ILE A 30 17.65 -6.53 0.99
N VAL A 31 17.73 -5.46 0.20
CA VAL A 31 18.72 -4.41 0.44
C VAL A 31 18.19 -3.26 1.30
N SER A 32 16.88 -3.19 1.51
CA SER A 32 16.32 -2.27 2.50
C SER A 32 14.94 -2.76 2.88
N ARG A 33 14.62 -2.68 4.18
CA ARG A 33 13.27 -3.05 4.62
C ARG A 33 12.27 -1.93 4.39
N ASP A 34 12.72 -0.69 4.25
CA ASP A 34 11.84 0.44 3.98
C ASP A 34 12.66 1.65 3.52
N ILE A 35 12.55 2.00 2.24
CA ILE A 35 13.28 3.16 1.74
C ILE A 35 12.71 4.47 2.25
N ALA A 36 11.53 4.46 2.85
CA ALA A 36 10.94 5.67 3.41
C ALA A 36 11.23 5.87 4.89
N ARG A 37 11.93 4.93 5.52
CA ARG A 37 12.30 5.03 6.94
C ARG A 37 11.09 5.32 7.82
N GLY A 38 9.97 4.69 7.50
CA GLY A 38 8.78 4.79 8.31
C GLY A 38 7.92 6.01 8.05
N TYR A 39 8.22 6.77 7.00
CA TYR A 39 7.46 7.99 6.70
C TYR A 39 6.17 7.73 5.94
N GLU A 40 5.89 6.50 5.52
CA GLU A 40 4.65 6.14 4.85
C GLU A 40 3.82 5.23 5.73
N ARG A 41 2.57 5.00 5.31
CA ARG A 41 1.69 4.14 6.08
C ARG A 41 2.11 2.68 6.01
N ILE A 42 2.71 2.25 4.90
CA ILE A 42 3.26 0.91 4.79
C ILE A 42 4.74 1.02 4.46
N PRO A 43 5.57 0.05 4.82
CA PRO A 43 6.95 0.07 4.36
C PRO A 43 7.06 -0.25 2.88
N ILE A 44 8.03 0.39 2.23
CA ILE A 44 8.39 0.12 0.84
C ILE A 44 9.79 -0.50 0.82
N PRO A 45 9.91 -1.82 0.93
CA PRO A 45 11.24 -2.44 0.89
C PRO A 45 11.83 -2.43 -0.51
N CYS A 46 13.14 -2.65 -0.57
CA CYS A 46 13.88 -2.72 -1.82
C CYS A 46 14.61 -4.06 -1.89
N VAL A 47 14.48 -4.76 -3.01
CA VAL A 47 15.05 -6.08 -3.17
C VAL A 47 15.83 -6.12 -4.47
N ASN A 48 16.81 -7.01 -4.53
CA ASN A 48 17.60 -7.22 -5.73
C ASN A 48 17.85 -8.71 -5.90
N ALA A 49 17.43 -9.25 -7.04
CA ALA A 49 17.67 -10.65 -7.39
C ALA A 49 18.29 -10.75 -8.77
N VAL A 50 19.02 -9.72 -9.19
CA VAL A 50 19.71 -9.72 -10.48
C VAL A 50 21.19 -9.57 -10.24
N ASP A 51 21.65 -8.34 -9.99
CA ASP A 51 23.05 -8.04 -9.80
C ASP A 51 23.32 -7.74 -8.33
N SER A 52 24.37 -6.97 -8.05
CA SER A 52 24.83 -6.72 -6.69
C SER A 52 24.81 -5.24 -6.34
N GLU A 53 24.03 -4.44 -7.08
CA GLU A 53 23.98 -3.02 -6.76
C GLU A 53 23.13 -2.79 -5.51
N PRO A 54 23.57 -1.92 -4.61
CA PRO A 54 22.79 -1.65 -3.39
C PRO A 54 21.61 -0.73 -3.68
N CYS A 55 20.75 -0.57 -2.66
CA CYS A 55 19.55 0.24 -2.83
C CYS A 55 19.94 1.69 -3.12
N PRO A 56 19.21 2.38 -3.98
CA PRO A 56 19.66 3.70 -4.46
C PRO A 56 19.78 4.69 -3.31
N SER A 57 20.81 5.54 -3.39
CA SER A 57 21.07 6.47 -2.30
C SER A 57 21.58 7.83 -2.79
N ASN A 58 21.52 8.11 -4.08
CA ASN A 58 21.92 9.43 -4.58
C ASN A 58 20.76 10.41 -4.58
N TYR A 59 19.83 10.26 -3.65
CA TYR A 59 18.68 11.14 -3.51
C TYR A 59 18.24 11.11 -2.05
N LYS A 60 17.46 12.12 -1.66
CA LYS A 60 16.84 12.18 -0.35
C LYS A 60 15.37 11.82 -0.49
N TYR A 61 14.96 10.73 0.16
CA TYR A 61 13.55 10.36 0.14
C TYR A 61 12.72 11.32 1.00
N VAL A 62 11.64 11.84 0.42
CA VAL A 62 10.65 12.66 1.10
C VAL A 62 9.26 12.22 0.68
N SER A 63 8.33 12.17 1.64
CA SER A 63 6.97 11.70 1.34
C SER A 63 6.04 12.82 0.91
N GLN A 64 6.41 14.09 1.16
CA GLN A 64 5.63 15.23 0.73
C GLN A 64 6.53 16.22 0.00
N ASN A 65 5.91 17.00 -0.88
CA ASN A 65 6.64 17.99 -1.68
C ASN A 65 7.44 18.92 -0.77
N CYS A 66 8.57 19.41 -1.29
CA CYS A 66 9.45 20.30 -0.57
C CYS A 66 9.89 21.42 -1.50
N VAL A 67 10.56 22.42 -0.93
CA VAL A 67 11.08 23.53 -1.73
C VAL A 67 12.52 23.82 -1.29
N THR A 68 13.28 24.42 -2.20
CA THR A 68 14.57 25.01 -1.87
C THR A 68 14.43 26.52 -1.90
N SER A 69 14.41 27.14 -3.06
CA SER A 69 14.03 28.54 -3.13
C SER A 69 12.56 28.68 -2.77
N PRO A 70 12.17 29.76 -2.09
CA PRO A 70 10.78 29.90 -1.62
C PRO A 70 9.76 29.97 -2.75
N MET A 71 8.53 29.57 -2.44
CA MET A 71 7.41 29.70 -3.36
C MET A 71 6.23 30.35 -2.66
N ASN A 72 5.61 31.31 -3.33
CA ASN A 72 4.47 32.08 -2.83
C ASN A 72 3.17 31.28 -2.88
N ILE A 73 3.17 30.03 -2.40
CA ILE A 73 1.94 29.24 -2.46
C ILE A 73 0.90 29.90 -1.56
N ASP A 74 -0.25 30.23 -2.13
CA ASP A 74 -1.30 30.95 -1.40
C ASP A 74 -1.94 30.00 -0.40
N ARG A 75 -1.58 30.13 0.87
CA ARG A 75 -2.16 29.32 1.92
C ARG A 75 -3.04 30.14 2.85
N ASN A 76 -3.64 31.21 2.33
CA ASN A 76 -4.67 31.93 3.04
C ASN A 76 -5.89 31.01 3.22
N ILE A 77 -6.27 30.75 4.47
CA ILE A 77 -7.36 29.80 4.71
C ILE A 77 -8.68 30.35 4.19
N THR A 78 -8.83 31.68 4.12
CA THR A 78 -10.07 32.26 3.63
C THR A 78 -10.17 32.27 2.11
N HIS A 79 -9.07 32.04 1.40
CA HIS A 79 -9.13 31.90 -0.06
C HIS A 79 -9.53 30.50 -0.51
N LEU A 80 -9.74 29.57 0.43
CA LEU A 80 -10.19 28.23 0.10
C LEU A 80 -11.69 28.23 -0.20
N GLN A 81 -12.07 27.52 -1.25
CA GLN A 81 -13.48 27.21 -1.48
C GLN A 81 -13.83 25.93 -0.73
N TYR A 82 -15.03 25.89 -0.17
CA TYR A 82 -15.37 24.82 0.76
C TYR A 82 -16.85 24.45 0.63
N CYS A 83 -17.16 23.21 1.02
CA CYS A 83 -18.53 22.74 1.05
C CYS A 83 -19.11 22.93 2.45
N VAL A 84 -20.44 22.83 2.55
CA VAL A 84 -21.14 23.01 3.81
C VAL A 84 -22.08 21.85 4.07
N CYS A 85 -21.74 20.68 3.52
CA CYS A 85 -22.59 19.51 3.63
C CYS A 85 -22.77 19.05 5.07
N ILE A 86 -23.96 18.50 5.35
CA ILE A 86 -24.28 17.88 6.63
C ILE A 86 -24.31 16.36 6.56
N ASP A 87 -24.05 15.78 5.39
CA ASP A 87 -23.92 14.33 5.25
C ASP A 87 -22.44 13.95 5.14
N ASP A 88 -22.14 12.86 4.43
CA ASP A 88 -20.77 12.44 4.20
C ASP A 88 -20.24 12.88 2.83
N CYS A 89 -20.81 13.95 2.28
CA CYS A 89 -20.41 14.49 0.97
C CYS A 89 -20.58 13.45 -0.14
N SER A 90 -21.60 12.62 -0.03
CA SER A 90 -22.05 11.80 -1.14
C SER A 90 -23.24 12.42 -1.87
N SER A 91 -23.80 13.49 -1.32
CA SER A 91 -24.83 14.25 -2.02
C SER A 91 -24.25 14.91 -3.26
N SER A 92 -25.14 15.18 -4.21
CA SER A 92 -24.75 15.95 -5.39
C SER A 92 -24.56 17.44 -5.09
N ASN A 93 -24.93 17.89 -3.89
CA ASN A 93 -24.87 19.30 -3.54
C ASN A 93 -23.51 19.73 -3.05
N CYS A 94 -22.59 18.80 -2.87
CA CYS A 94 -21.29 19.14 -2.29
C CYS A 94 -20.54 20.10 -3.20
N MET A 95 -20.22 21.26 -2.64
CA MET A 95 -19.51 22.28 -3.42
C MET A 95 -18.17 21.77 -3.93
N CYS A 96 -17.46 20.95 -3.14
CA CYS A 96 -16.17 20.44 -3.57
C CYS A 96 -16.32 19.45 -4.73
N GLY A 97 -17.46 18.74 -4.80
CA GLY A 97 -17.70 17.91 -5.97
C GLY A 97 -17.98 18.72 -7.23
N GLN A 98 -18.64 19.87 -7.08
CA GLN A 98 -18.94 20.69 -8.24
C GLN A 98 -17.67 21.26 -8.86
N LEU A 99 -16.70 21.66 -8.03
CA LEU A 99 -15.44 22.17 -8.57
C LEU A 99 -14.71 21.08 -9.37
N SER A 100 -14.98 19.82 -9.05
CA SER A 100 -14.42 18.68 -9.75
C SER A 100 -15.36 18.15 -10.83
N MET A 101 -16.34 18.95 -11.27
CA MET A 101 -17.47 18.54 -12.11
C MET A 101 -18.43 17.66 -11.31
N ARG A 102 -17.90 16.60 -10.72
CA ARG A 102 -18.60 15.79 -9.73
C ARG A 102 -17.55 15.06 -8.91
N CYS A 103 -17.95 14.59 -7.73
CA CYS A 103 -17.05 13.77 -6.93
C CYS A 103 -16.94 12.38 -7.55
N TRP A 104 -15.72 12.01 -7.96
CA TRP A 104 -15.48 10.78 -8.71
C TRP A 104 -15.16 9.58 -7.83
N TYR A 105 -15.26 9.71 -6.52
CA TYR A 105 -14.93 8.64 -5.61
C TYR A 105 -16.17 7.87 -5.20
N ASP A 106 -16.06 6.54 -5.17
CA ASP A 106 -17.16 5.71 -4.70
C ASP A 106 -17.01 5.46 -3.20
N LYS A 107 -17.84 4.57 -2.65
CA LYS A 107 -17.78 4.30 -1.21
C LYS A 107 -16.44 3.72 -0.77
N ASP A 108 -15.69 3.10 -1.69
CA ASP A 108 -14.42 2.46 -1.37
C ASP A 108 -13.22 3.35 -1.67
N GLY A 109 -13.44 4.59 -2.10
CA GLY A 109 -12.35 5.46 -2.44
C GLY A 109 -11.76 5.25 -3.81
N ARG A 110 -12.45 4.52 -4.68
CA ARG A 110 -11.98 4.26 -6.04
C ARG A 110 -12.70 5.17 -7.03
N LEU A 111 -12.08 5.35 -8.19
CA LEU A 111 -12.68 6.17 -9.24
C LEU A 111 -13.85 5.44 -9.88
N LEU A 112 -14.92 6.19 -10.15
CA LEU A 112 -16.07 5.64 -10.84
C LEU A 112 -15.70 5.23 -12.27
N PRO A 113 -16.47 4.32 -12.87
CA PRO A 113 -16.19 3.95 -14.26
C PRO A 113 -16.30 5.11 -15.24
N GLU A 114 -17.18 6.09 -14.96
CA GLU A 114 -17.38 7.25 -15.83
C GLU A 114 -16.17 8.17 -15.89
N PHE A 115 -15.19 8.00 -15.00
CA PHE A 115 -14.05 8.90 -14.94
C PHE A 115 -13.22 8.76 -16.22
N ASN A 116 -13.02 9.88 -16.90
CA ASN A 116 -12.30 9.88 -18.17
C ASN A 116 -10.79 9.89 -17.89
N MET A 117 -10.16 8.73 -18.04
CA MET A 117 -8.72 8.62 -17.85
C MET A 117 -7.92 9.08 -19.08
N ALA A 118 -8.57 9.53 -20.14
CA ALA A 118 -7.83 10.09 -21.28
C ALA A 118 -7.47 11.55 -21.02
N GLU A 119 -8.45 12.36 -20.64
CA GLU A 119 -8.22 13.71 -20.12
C GLU A 119 -8.89 13.81 -18.77
N PRO A 120 -8.18 13.50 -17.69
CA PRO A 120 -8.75 13.57 -16.35
C PRO A 120 -9.03 15.01 -15.94
N PRO A 121 -10.13 15.26 -15.23
CA PRO A 121 -10.41 16.62 -14.76
C PRO A 121 -9.68 16.91 -13.46
N LEU A 122 -9.70 18.19 -13.07
CA LEU A 122 -9.12 18.58 -11.80
C LEU A 122 -9.99 18.06 -10.65
N ILE A 123 -9.37 17.39 -9.68
CA ILE A 123 -10.07 16.86 -8.52
C ILE A 123 -9.84 17.79 -7.35
N PHE A 124 -10.93 18.30 -6.77
CA PHE A 124 -10.88 19.11 -5.55
C PHE A 124 -11.41 18.25 -4.41
N GLU A 125 -10.51 17.77 -3.56
CA GLU A 125 -10.94 17.09 -2.34
C GLU A 125 -11.39 18.12 -1.30
N CYS A 126 -12.12 17.63 -0.30
CA CYS A 126 -12.48 18.47 0.82
C CYS A 126 -11.25 18.78 1.67
N ASN A 127 -11.37 19.82 2.51
CA ASN A 127 -10.21 20.36 3.21
C ASN A 127 -10.65 20.84 4.59
N HIS A 128 -9.71 21.44 5.32
CA HIS A 128 -9.92 21.88 6.70
C HIS A 128 -10.84 23.09 6.81
N ALA A 129 -11.28 23.66 5.70
CA ALA A 129 -12.25 24.75 5.73
C ALA A 129 -13.70 24.29 5.57
N CYS A 130 -13.93 23.06 5.12
CA CYS A 130 -15.26 22.55 4.91
C CYS A 130 -15.92 22.17 6.22
N SER A 131 -17.23 21.94 6.16
CA SER A 131 -18.00 21.50 7.30
C SER A 131 -17.99 19.99 7.49
N CYS A 132 -17.56 19.23 6.48
CA CYS A 132 -17.65 17.78 6.59
C CYS A 132 -16.67 17.26 7.63
N TRP A 133 -16.80 15.98 7.93
CA TRP A 133 -15.88 15.29 8.82
C TRP A 133 -14.69 14.79 8.02
N ARG A 134 -13.61 14.47 8.75
CA ARG A 134 -12.37 14.01 8.13
C ARG A 134 -12.54 12.71 7.35
N ASN A 135 -13.62 11.96 7.60
CA ASN A 135 -13.85 10.71 6.90
C ASN A 135 -14.88 10.83 5.78
N CYS A 136 -15.10 12.03 5.26
CA CYS A 136 -16.12 12.18 4.22
C CYS A 136 -15.64 11.49 2.95
N ARG A 137 -16.58 11.28 2.03
CA ARG A 137 -16.28 10.51 0.83
C ARG A 137 -15.22 11.19 -0.03
N ASN A 138 -15.23 12.52 -0.10
CA ASN A 138 -14.38 13.27 -1.01
C ASN A 138 -12.95 13.46 -0.51
N ARG A 139 -12.34 12.45 0.12
CA ARG A 139 -10.94 12.53 0.51
C ARG A 139 -10.29 11.17 0.28
N VAL A 140 -9.28 11.14 -0.59
CA VAL A 140 -8.59 9.91 -0.96
C VAL A 140 -7.08 10.16 -0.97
N VAL A 141 -6.63 11.11 -1.79
CA VAL A 141 -5.20 11.36 -1.93
C VAL A 141 -4.63 11.92 -0.63
N GLN A 142 -5.39 12.75 0.07
CA GLN A 142 -4.91 13.33 1.31
C GLN A 142 -4.74 12.30 2.42
N ASN A 143 -5.16 11.06 2.20
CA ASN A 143 -5.01 10.02 3.21
C ASN A 143 -3.77 9.18 3.01
N GLY A 144 -3.00 9.44 1.96
CA GLY A 144 -1.71 8.83 1.79
C GLY A 144 -1.70 7.49 1.09
N LEU A 145 -0.52 6.92 1.09
CA LEU A 145 -0.23 5.66 0.41
C LEU A 145 -0.84 4.50 1.19
N ARG A 146 -1.38 3.53 0.47
CA ARG A 146 -1.98 2.38 1.16
C ARG A 146 -1.54 1.05 0.58
N ALA A 147 -1.35 0.96 -0.73
CA ALA A 147 -1.02 -0.31 -1.37
C ALA A 147 0.41 -0.75 -1.03
N ARG A 148 0.61 -2.07 -0.99
CA ARG A 148 1.93 -2.64 -0.75
C ARG A 148 2.76 -2.55 -2.03
N LEU A 149 3.72 -1.63 -2.06
CA LEU A 149 4.63 -1.47 -3.17
C LEU A 149 6.01 -1.99 -2.78
N GLN A 150 6.88 -2.11 -3.78
CA GLN A 150 8.24 -2.60 -3.54
C GLN A 150 9.16 -2.18 -4.68
N LEU A 151 10.28 -1.54 -4.31
CA LEU A 151 11.34 -1.23 -5.26
C LEU A 151 12.14 -2.48 -5.53
N TYR A 152 12.32 -2.83 -6.80
CA TYR A 152 13.00 -4.06 -7.17
C TYR A 152 13.92 -3.81 -8.34
N ARG A 153 14.99 -4.60 -8.42
CA ARG A 153 15.98 -4.47 -9.47
C ARG A 153 15.59 -5.32 -10.67
N THR A 154 15.53 -4.69 -11.85
CA THR A 154 15.20 -5.39 -13.08
C THR A 154 16.48 -5.78 -13.83
N ARG A 155 16.31 -6.73 -14.76
CA ARG A 155 17.39 -7.10 -15.66
C ARG A 155 17.72 -6.00 -16.65
N ASP A 156 16.76 -5.12 -16.90
CA ASP A 156 16.71 -4.34 -18.13
C ASP A 156 16.58 -2.85 -17.83
N MET A 157 15.62 -2.49 -16.97
CA MET A 157 15.22 -1.10 -16.76
C MET A 157 15.90 -0.45 -15.56
N GLY A 158 16.85 -1.13 -14.92
CA GLY A 158 17.47 -0.61 -13.73
C GLY A 158 16.63 -0.89 -12.50
N TRP A 159 15.97 0.14 -11.99
CA TRP A 159 15.09 -0.01 -10.84
C TRP A 159 13.65 0.17 -11.28
N GLY A 160 12.75 -0.54 -10.60
CA GLY A 160 11.33 -0.39 -10.84
C GLY A 160 10.53 -0.58 -9.57
N VAL A 161 9.25 -0.25 -9.67
CA VAL A 161 8.30 -0.40 -8.57
C VAL A 161 7.24 -1.40 -8.98
N ARG A 162 6.99 -2.39 -8.13
CA ARG A 162 5.94 -3.37 -8.39
C ARG A 162 4.99 -3.41 -7.20
N SER A 163 3.81 -3.99 -7.41
CA SER A 163 2.83 -4.14 -6.34
C SER A 163 2.87 -5.55 -5.78
N LEU A 164 2.78 -5.66 -4.46
CA LEU A 164 2.78 -6.96 -3.81
C LEU A 164 1.38 -7.51 -3.61
N GLN A 165 0.36 -6.76 -4.01
CA GLN A 165 -1.03 -7.14 -3.81
C GLN A 165 -1.82 -6.75 -5.05
N ASP A 166 -2.98 -7.37 -5.20
CA ASP A 166 -3.88 -6.97 -6.27
C ASP A 166 -4.42 -5.58 -5.99
N ILE A 167 -4.50 -4.76 -7.03
CA ILE A 167 -4.99 -3.39 -6.91
C ILE A 167 -6.18 -3.19 -7.83
N PRO A 168 -7.38 -2.96 -7.30
CA PRO A 168 -8.57 -2.85 -8.16
C PRO A 168 -8.51 -1.62 -9.05
N PRO A 169 -9.28 -1.58 -10.13
CA PRO A 169 -9.28 -0.39 -10.99
C PRO A 169 -9.74 0.84 -10.22
N GLY A 170 -9.06 1.95 -10.46
CA GLY A 170 -9.45 3.23 -9.87
C GLY A 170 -8.89 3.50 -8.49
N THR A 171 -7.87 2.75 -8.08
CA THR A 171 -7.24 2.95 -6.78
C THR A 171 -6.18 4.05 -6.86
N PHE A 172 -6.09 4.85 -5.81
CA PHE A 172 -4.97 5.76 -5.66
C PHE A 172 -3.77 4.97 -5.15
N VAL A 173 -2.67 5.01 -5.89
CA VAL A 173 -1.51 4.16 -5.60
C VAL A 173 -0.42 4.96 -4.91
N CYS A 174 0.00 6.07 -5.52
CA CYS A 174 1.04 6.90 -4.94
C CYS A 174 1.01 8.27 -5.61
N GLU A 175 1.74 9.19 -4.99
CA GLU A 175 1.84 10.57 -5.45
C GLU A 175 3.23 10.81 -6.03
N TYR A 176 3.32 11.68 -7.03
CA TYR A 176 4.61 12.05 -7.58
C TYR A 176 5.08 13.28 -6.81
N VAL A 177 6.01 13.09 -5.87
CA VAL A 177 6.43 14.16 -5.00
C VAL A 177 7.91 14.43 -5.24
N GLY A 178 8.31 15.67 -4.99
CA GLY A 178 9.69 16.09 -5.15
C GLY A 178 9.91 17.54 -4.82
N GLU A 179 10.84 18.18 -5.51
CA GLU A 179 11.16 19.58 -5.30
C GLU A 179 10.37 20.47 -6.25
N LEU A 180 9.70 21.47 -5.71
CA LEU A 180 8.90 22.40 -6.50
C LEU A 180 9.80 23.51 -7.04
N ILE A 181 9.90 23.62 -8.37
CA ILE A 181 10.75 24.60 -9.00
C ILE A 181 9.99 25.31 -10.11
N SER A 182 10.52 26.46 -10.51
CA SER A 182 10.00 27.19 -11.65
C SER A 182 10.56 26.61 -12.95
N ASP A 183 9.93 26.97 -14.06
CA ASP A 183 10.44 26.51 -15.35
C ASP A 183 11.80 27.14 -15.67
N SER A 184 12.01 28.39 -15.27
CA SER A 184 13.34 29.01 -15.41
C SER A 184 14.40 28.18 -14.70
N GLU A 185 14.14 27.80 -13.45
CA GLU A 185 15.09 26.99 -12.71
C GLU A 185 15.29 25.63 -13.36
N ALA A 186 14.26 25.10 -14.03
CA ALA A 186 14.38 23.77 -14.62
C ALA A 186 15.25 23.77 -15.86
N ASP A 187 15.28 24.90 -16.59
CA ASP A 187 16.10 24.99 -17.80
C ASP A 187 17.58 24.89 -17.48
N VAL A 188 18.01 25.38 -16.32
CA VAL A 188 19.41 25.46 -15.97
C VAL A 188 19.90 24.21 -15.24
N ARG A 189 19.10 23.17 -15.16
CA ARG A 189 19.47 21.99 -14.38
C ARG A 189 19.98 20.87 -15.28
N GLU A 190 20.91 20.10 -14.72
CA GLU A 190 21.63 19.10 -15.51
C GLU A 190 20.69 17.97 -15.92
N GLU A 191 20.15 17.25 -14.95
CA GLU A 191 19.24 16.14 -15.22
C GLU A 191 17.83 16.66 -15.39
N ASP A 192 17.18 16.27 -16.48
CA ASP A 192 15.78 16.60 -16.70
C ASP A 192 14.88 15.37 -16.73
N SER A 193 15.44 14.17 -16.56
CA SER A 193 14.66 12.93 -16.66
C SER A 193 13.73 12.72 -15.48
N TYR A 194 13.77 13.57 -14.45
CA TYR A 194 12.93 13.43 -13.27
C TYR A 194 11.92 14.56 -13.12
N LEU A 195 11.69 15.36 -14.15
CA LEU A 195 10.79 16.50 -14.04
C LEU A 195 9.35 16.09 -14.33
N PHE A 196 8.40 16.80 -13.74
CA PHE A 196 6.99 16.63 -14.00
C PHE A 196 6.34 17.98 -14.21
N ASP A 197 5.51 18.11 -15.23
CA ASP A 197 4.92 19.39 -15.59
C ASP A 197 3.59 19.61 -14.88
N LEU A 198 3.47 20.75 -14.22
CA LEU A 198 2.24 21.19 -13.57
C LEU A 198 1.84 22.51 -14.22
N ASP A 199 0.96 22.48 -15.20
CA ASP A 199 0.79 23.65 -16.05
C ASP A 199 -0.60 24.26 -16.00
N ASN A 200 -0.63 25.58 -16.16
CA ASN A 200 -1.85 26.37 -16.31
C ASN A 200 -1.81 27.23 -17.56
N LYS A 201 -0.69 27.21 -18.30
CA LYS A 201 -0.33 28.14 -19.38
C LYS A 201 -1.42 29.11 -19.81
N GLY A 203 2.08 30.62 -19.23
CA GLY A 203 2.46 31.68 -18.31
C GLY A 203 3.61 31.29 -17.40
N GLU A 204 3.44 31.50 -16.09
CA GLU A 204 4.43 31.07 -15.11
C GLU A 204 4.08 29.63 -14.73
N VAL A 205 4.88 28.69 -15.24
CA VAL A 205 4.68 27.28 -15.00
C VAL A 205 5.65 26.82 -13.93
N TYR A 206 5.28 25.73 -13.24
CA TYR A 206 6.10 25.16 -12.19
C TYR A 206 6.19 23.65 -12.40
N CYS A 207 7.18 23.03 -11.75
CA CYS A 207 7.45 21.63 -12.00
C CYS A 207 7.89 20.95 -10.71
N ILE A 208 7.73 19.62 -10.70
CA ILE A 208 8.25 18.77 -9.65
C ILE A 208 9.51 18.10 -10.18
N ASP A 209 10.65 18.39 -9.56
CA ASP A 209 11.90 17.70 -9.87
C ASP A 209 12.15 16.70 -8.75
N ALA A 210 12.08 15.41 -9.09
CA ALA A 210 12.33 14.34 -8.14
C ALA A 210 13.77 13.84 -8.21
N ARG A 211 14.65 14.58 -8.87
CA ARG A 211 16.04 14.13 -8.96
C ARG A 211 16.69 14.13 -7.59
N PHE A 212 16.60 15.24 -6.85
CA PHE A 212 17.32 15.37 -5.59
C PHE A 212 16.49 15.05 -4.37
N TYR A 213 15.18 15.31 -4.44
CA TYR A 213 14.23 14.92 -3.41
C TYR A 213 13.02 14.29 -4.09
N GLY A 214 12.54 13.17 -3.54
CA GLY A 214 11.38 12.51 -4.11
C GLY A 214 11.07 11.26 -3.33
N ASN A 215 9.95 10.63 -3.69
CA ASN A 215 9.49 9.39 -3.08
C ASN A 215 9.62 8.22 -4.06
N VAL A 216 8.87 7.15 -3.80
CA VAL A 216 8.96 5.95 -4.63
C VAL A 216 8.51 6.21 -6.06
N SER A 217 7.67 7.22 -6.29
CA SER A 217 7.24 7.53 -7.64
C SER A 217 8.42 7.79 -8.59
N ARG A 218 9.55 8.27 -8.07
CA ARG A 218 10.69 8.57 -8.91
C ARG A 218 11.26 7.33 -9.57
N PHE A 219 10.88 6.14 -9.13
CA PHE A 219 11.40 4.89 -9.68
C PHE A 219 10.42 4.19 -10.60
N ILE A 220 9.26 4.77 -10.87
CA ILE A 220 8.28 4.10 -11.73
C ILE A 220 8.71 4.23 -13.18
N ASN A 221 8.80 3.11 -13.87
CA ASN A 221 9.27 3.12 -15.25
C ASN A 221 8.15 3.52 -16.21
N HIS A 222 8.55 3.93 -17.40
CA HIS A 222 7.59 4.21 -18.45
C HIS A 222 7.00 2.93 -19.00
N HIS A 223 5.76 3.02 -19.48
CA HIS A 223 5.10 1.92 -20.19
C HIS A 223 4.12 2.52 -21.19
N CYS A 224 4.13 2.00 -22.42
CA CYS A 224 3.24 2.52 -23.45
C CYS A 224 1.80 2.06 -23.27
N GLU A 225 1.57 0.94 -22.56
CA GLU A 225 0.23 0.52 -22.17
C GLU A 225 0.12 0.60 -20.67
N PRO A 226 0.05 1.81 -20.11
CA PRO A 226 0.26 2.00 -18.66
C PRO A 226 -0.91 1.55 -17.80
N ASN A 227 -0.57 1.01 -16.64
CA ASN A 227 -1.56 0.69 -15.62
C ASN A 227 -1.72 1.81 -14.59
N LEU A 228 -1.11 2.97 -14.82
CA LEU A 228 -1.25 4.13 -13.96
C LEU A 228 -1.43 5.38 -14.80
N VAL A 229 -2.29 6.28 -14.34
CA VAL A 229 -2.49 7.56 -14.99
C VAL A 229 -2.33 8.66 -13.95
N PRO A 230 -1.70 9.79 -14.28
CA PRO A 230 -1.58 10.90 -13.32
C PRO A 230 -2.79 11.82 -13.38
N VAL A 231 -3.34 12.10 -12.22
CA VAL A 231 -4.48 13.05 -12.04
C VAL A 231 -3.94 14.20 -11.20
N ARG A 232 -4.43 15.40 -11.45
CA ARG A 232 -4.05 16.61 -10.72
C ARG A 232 -5.05 16.86 -9.60
N VAL A 233 -4.58 16.91 -8.37
CA VAL A 233 -5.46 17.02 -7.18
C VAL A 233 -5.13 18.22 -6.32
N PHE A 234 -6.12 18.85 -5.73
CA PHE A 234 -5.94 19.98 -4.81
C PHE A 234 -6.49 19.53 -3.48
N MET A 235 -5.80 19.78 -2.39
CA MET A 235 -6.27 19.30 -1.10
C MET A 235 -6.22 20.42 -0.07
N ALA A 236 -5.07 20.70 0.52
CA ALA A 236 -4.96 21.69 1.60
C ALA A 236 -4.85 23.11 1.11
N HIS A 237 -4.52 23.29 -0.15
CA HIS A 237 -4.39 24.59 -0.82
C HIS A 237 -4.97 24.47 -2.21
N GLN A 238 -5.46 25.56 -2.77
CA GLN A 238 -6.07 25.50 -4.11
C GLN A 238 -5.43 26.53 -5.02
N ASP A 239 -4.12 26.61 -4.99
CA ASP A 239 -3.33 27.48 -5.87
C ASP A 239 -3.17 26.69 -7.13
N LEU A 240 -3.73 27.10 -8.23
CA LEU A 240 -3.69 26.27 -9.45
C LEU A 240 -2.34 26.15 -10.13
N ARG A 241 -1.29 26.83 -9.70
CA ARG A 241 0.04 26.69 -10.30
C ARG A 241 0.68 25.45 -9.73
N PHE A 242 0.23 25.00 -8.57
CA PHE A 242 0.83 23.85 -7.89
C PHE A 242 -0.18 22.74 -7.65
N PRO A 243 -0.68 22.02 -8.65
CA PRO A 243 -1.51 20.91 -8.37
C PRO A 243 -0.63 19.74 -7.94
N ARG A 244 -1.18 18.85 -7.15
CA ARG A 244 -0.40 17.67 -6.75
C ARG A 244 -0.71 16.56 -7.75
N ILE A 245 0.23 15.65 -8.00
CA ILE A 245 0.05 14.63 -9.06
C ILE A 245 -0.25 13.29 -8.43
N ALA A 246 -1.42 12.74 -8.65
CA ALA A 246 -1.81 11.48 -8.03
C ALA A 246 -1.95 10.39 -9.10
N PHE A 247 -1.35 9.23 -8.84
CA PHE A 247 -1.36 8.11 -9.79
C PHE A 247 -2.49 7.16 -9.45
N PHE A 248 -3.43 7.00 -10.37
CA PHE A 248 -4.54 6.08 -10.18
C PHE A 248 -4.39 4.90 -11.13
N SER A 249 -4.75 3.71 -10.65
CA SER A 249 -4.72 2.52 -11.50
C SER A 249 -5.80 2.60 -12.56
N THR A 250 -5.44 2.25 -13.80
CA THR A 250 -6.36 2.26 -14.94
C THR A 250 -7.11 0.95 -15.10
N ARG A 251 -6.74 -0.09 -14.35
CA ARG A 251 -7.32 -1.42 -14.47
C ARG A 251 -6.84 -2.22 -13.28
N LEU A 252 -7.27 -3.48 -13.20
CA LEU A 252 -6.79 -4.35 -12.15
C LEU A 252 -5.30 -4.60 -12.33
N ILE A 253 -4.51 -4.26 -11.32
CA ILE A 253 -3.07 -4.54 -11.29
C ILE A 253 -2.86 -5.75 -10.40
N GLU A 254 -2.33 -6.83 -10.98
CA GLU A 254 -2.21 -8.09 -10.24
C GLU A 254 -0.96 -8.11 -9.38
N ALA A 255 -1.04 -8.86 -8.28
CA ALA A 255 0.10 -9.00 -7.38
C ALA A 255 1.33 -9.47 -8.16
N GLY A 256 2.42 -8.71 -8.06
CA GLY A 256 3.63 -8.99 -8.79
C GLY A 256 3.86 -8.07 -9.97
N GLU A 257 2.81 -7.45 -10.48
CA GLU A 257 2.92 -6.60 -11.66
C GLU A 257 3.77 -5.37 -11.38
N GLN A 258 4.47 -4.90 -12.42
CA GLN A 258 5.26 -3.68 -12.34
C GLN A 258 4.37 -2.46 -12.62
N LEU A 259 4.61 -1.38 -11.88
CA LEU A 259 3.89 -0.15 -12.11
C LEU A 259 4.47 0.60 -13.30
N GLY A 260 3.63 1.40 -13.95
CA GLY A 260 4.12 2.26 -15.01
C GLY A 260 3.10 3.22 -15.54
N PHE A 261 3.54 4.40 -15.97
CA PHE A 261 2.67 5.39 -16.56
C PHE A 261 3.32 5.93 -17.83
N ASP A 262 2.50 6.56 -18.67
CA ASP A 262 2.97 7.16 -19.91
C ASP A 262 3.72 8.44 -19.59
N TYR A 263 5.00 8.51 -20.00
CA TYR A 263 5.79 9.71 -19.76
C TYR A 263 5.35 10.88 -20.62
N GLY A 264 4.70 10.62 -21.75
CA GLY A 264 4.27 11.67 -22.64
C GLY A 264 5.29 11.96 -23.73
N GLU A 265 4.89 12.83 -24.67
CA GLU A 265 5.76 13.08 -25.80
C GLU A 265 6.90 14.05 -25.46
N ARG A 266 6.70 14.97 -24.52
CA ARG A 266 7.76 15.90 -24.17
C ARG A 266 9.00 15.17 -23.67
N PHE A 267 8.81 14.06 -22.95
CA PHE A 267 9.96 13.27 -22.54
C PHE A 267 10.60 12.55 -23.72
N TRP A 268 9.79 11.99 -24.63
CA TRP A 268 10.33 11.13 -25.67
C TRP A 268 10.83 11.92 -26.88
N ASP A 269 10.22 13.08 -27.18
CA ASP A 269 10.77 13.96 -28.21
C ASP A 269 12.19 14.37 -27.87
N ILE A 270 12.54 14.37 -26.58
CA ILE A 270 13.89 14.68 -26.13
C ILE A 270 14.72 13.41 -26.10
N LYS A 271 14.38 12.49 -25.20
CA LYS A 271 15.23 11.33 -24.96
C LYS A 271 15.09 10.24 -26.02
N GLY A 272 14.16 10.39 -26.97
CA GLY A 272 14.09 9.44 -28.06
C GLY A 272 15.30 9.46 -28.97
N LYS A 273 16.03 10.58 -29.01
CA LYS A 273 17.25 10.67 -29.80
C LYS A 273 18.39 9.85 -29.22
N LEU A 274 18.31 9.46 -27.95
CA LEU A 274 19.43 8.79 -27.29
C LEU A 274 19.20 7.31 -27.05
N PHE A 275 17.95 6.89 -26.84
CA PHE A 275 17.64 5.49 -26.65
C PHE A 275 16.17 5.26 -26.97
N SER A 276 15.78 3.99 -26.98
CA SER A 276 14.43 3.57 -27.34
C SER A 276 13.79 2.86 -26.15
N CYS A 277 12.45 2.90 -26.13
CA CYS A 277 11.70 2.28 -25.06
C CYS A 277 11.89 0.77 -25.07
N ARG A 278 12.02 0.19 -23.88
CA ARG A 278 12.16 -1.25 -23.71
C ARG A 278 11.09 -1.79 -22.77
N CYS A 279 9.89 -1.20 -22.82
CA CYS A 279 8.81 -1.64 -21.93
C CYS A 279 8.33 -3.06 -22.21
N GLY A 280 8.64 -3.62 -23.38
CA GLY A 280 8.23 -4.99 -23.66
C GLY A 280 6.78 -5.15 -24.07
N SER A 281 6.11 -4.07 -24.45
CA SER A 281 4.72 -4.14 -24.84
C SER A 281 4.59 -4.40 -26.33
N PRO A 282 3.66 -5.28 -26.71
CA PRO A 282 3.41 -5.52 -28.14
C PRO A 282 2.84 -4.32 -28.85
N LYS A 283 2.54 -3.24 -28.13
CA LYS A 283 2.01 -2.03 -28.73
C LYS A 283 2.89 -0.84 -28.40
N CYS A 284 4.20 -1.07 -28.20
CA CYS A 284 5.12 -0.02 -27.82
C CYS A 284 5.20 1.04 -28.92
N ARG A 285 5.00 2.30 -28.53
CA ARG A 285 4.97 3.41 -29.48
C ARG A 285 6.28 4.19 -29.56
N HIS A 286 7.31 3.77 -28.82
CA HIS A 286 8.60 4.45 -28.78
C HIS A 286 9.73 3.44 -28.89
N SER A 287 9.50 2.37 -29.63
CA SER A 287 10.48 1.31 -29.83
C SER A 287 11.54 1.74 -30.82
N VAL B 27 9.50 -21.78 -2.56
CA VAL B 27 8.95 -22.97 -1.93
C VAL B 27 8.55 -22.66 -0.48
N GLU B 28 7.64 -23.49 0.05
CA GLU B 28 7.18 -23.37 1.43
C GLU B 28 7.98 -24.36 2.29
N ARG B 29 8.90 -23.83 3.09
CA ARG B 29 9.75 -24.66 3.93
C ARG B 29 9.03 -25.08 5.20
N ILE B 30 9.11 -26.36 5.53
CA ILE B 30 8.54 -26.89 6.78
C ILE B 30 9.63 -26.79 7.85
N VAL B 31 9.56 -25.75 8.67
CA VAL B 31 10.57 -25.54 9.72
C VAL B 31 10.20 -26.25 11.02
N SER B 32 8.99 -26.79 11.15
CA SER B 32 8.60 -27.58 12.32
C SER B 32 7.39 -28.41 11.95
N ARG B 33 7.43 -29.70 12.28
CA ARG B 33 6.25 -30.54 12.10
C ARG B 33 5.22 -30.32 13.20
N ASP B 34 5.64 -29.78 14.35
CA ASP B 34 4.77 -29.54 15.49
C ASP B 34 5.47 -28.66 16.51
N ILE B 35 5.03 -27.40 16.65
CA ILE B 35 5.64 -26.54 17.66
C ILE B 35 5.19 -26.90 19.07
N ALA B 36 4.17 -27.74 19.21
CA ALA B 36 3.71 -28.18 20.52
C ALA B 36 4.36 -29.48 20.98
N ARG B 37 5.26 -30.05 20.17
CA ARG B 37 5.90 -31.32 20.47
C ARG B 37 4.92 -32.34 21.02
N GLY B 38 3.73 -32.43 20.40
CA GLY B 38 2.76 -33.45 20.73
C GLY B 38 1.88 -33.14 21.92
N TYR B 39 1.92 -31.92 22.46
CA TYR B 39 1.16 -31.59 23.66
C TYR B 39 -0.28 -31.18 23.38
N GLU B 40 -0.65 -30.99 22.12
CA GLU B 40 -2.04 -30.78 21.73
C GLU B 40 -2.55 -32.04 21.06
N ARG B 41 -3.85 -32.12 20.81
CA ARG B 41 -4.35 -33.33 20.19
C ARG B 41 -4.14 -33.34 18.68
N ILE B 42 -3.89 -32.19 18.07
CA ILE B 42 -3.49 -32.16 16.67
C ILE B 42 -2.14 -31.44 16.59
N PRO B 43 -1.27 -31.80 15.67
CA PRO B 43 -0.01 -31.05 15.52
C PRO B 43 -0.27 -29.65 15.01
N ILE B 44 0.60 -28.73 15.42
CA ILE B 44 0.60 -27.35 14.95
C ILE B 44 1.92 -27.08 14.25
N PRO B 45 2.04 -27.41 12.96
CA PRO B 45 3.31 -27.23 12.26
C PRO B 45 3.56 -25.76 11.91
N CYS B 46 4.81 -25.49 11.55
CA CYS B 46 5.27 -24.14 11.23
C CYS B 46 5.92 -24.14 9.87
N VAL B 47 5.53 -23.18 9.03
CA VAL B 47 6.00 -23.08 7.66
C VAL B 47 6.61 -21.71 7.44
N ASN B 48 7.53 -21.64 6.47
CA ASN B 48 8.12 -20.38 6.06
C ASN B 48 8.30 -20.39 4.56
N ALA B 49 7.67 -19.43 3.89
CA ALA B 49 7.79 -19.25 2.45
C ALA B 49 8.08 -17.79 2.11
N VAL B 50 8.74 -17.07 3.03
CA VAL B 50 9.18 -15.71 2.79
C VAL B 50 10.70 -15.64 2.91
N ASP B 51 11.20 -15.54 4.15
CA ASP B 51 12.62 -15.49 4.42
C ASP B 51 13.09 -16.84 4.99
N SER B 52 14.20 -16.82 5.72
CA SER B 52 14.84 -18.02 6.23
C SER B 52 14.97 -18.01 7.75
N GLU B 53 14.11 -17.26 8.44
CA GLU B 53 14.12 -17.26 9.89
C GLU B 53 13.63 -18.61 10.39
N PRO B 54 14.34 -19.23 11.34
CA PRO B 54 13.94 -20.56 11.81
C PRO B 54 12.69 -20.49 12.68
N CYS B 55 12.19 -21.66 13.04
CA CYS B 55 11.03 -21.76 13.93
C CYS B 55 11.34 -21.09 15.26
N PRO B 56 10.46 -20.21 15.76
CA PRO B 56 10.79 -19.44 16.96
C PRO B 56 11.13 -20.34 18.14
N SER B 57 12.14 -19.93 18.91
CA SER B 57 12.58 -20.73 20.05
C SER B 57 13.03 -19.87 21.23
N ASN B 58 12.72 -18.57 21.23
CA ASN B 58 13.01 -17.72 22.38
C ASN B 58 11.91 -17.79 23.43
N TYR B 59 11.22 -18.93 23.50
CA TYR B 59 10.12 -19.15 24.42
C TYR B 59 10.01 -20.64 24.67
N LYS B 60 9.30 -20.99 25.73
CA LYS B 60 8.97 -22.38 26.04
C LYS B 60 7.49 -22.59 25.73
N TYR B 61 7.20 -23.60 24.91
CA TYR B 61 5.81 -23.94 24.60
C TYR B 61 5.19 -24.73 25.75
N VAL B 62 4.02 -24.28 26.20
CA VAL B 62 3.23 -24.96 27.23
C VAL B 62 1.78 -24.99 26.80
N SER B 63 1.13 -26.14 26.98
CA SER B 63 -0.27 -26.26 26.57
C SER B 63 -1.23 -25.82 27.65
N GLN B 64 -0.77 -25.67 28.88
CA GLN B 64 -1.58 -25.19 29.99
C GLN B 64 -0.82 -24.09 30.73
N ASN B 65 -1.58 -23.25 31.43
CA ASN B 65 -1.01 -22.17 32.21
C ASN B 65 -0.03 -22.68 33.26
N CYS B 66 0.98 -21.87 33.57
CA CYS B 66 1.98 -22.20 34.57
C CYS B 66 2.23 -20.99 35.46
N VAL B 67 3.05 -21.21 36.48
CA VAL B 67 3.42 -20.14 37.42
C VAL B 67 4.91 -20.22 37.72
N THR B 68 5.48 -19.07 38.10
CA THR B 68 6.80 -19.03 38.70
C THR B 68 6.66 -18.76 40.19
N SER B 69 6.35 -17.53 40.60
CA SER B 69 5.99 -17.29 41.98
C SER B 69 4.67 -18.00 42.29
N PRO B 70 4.51 -18.51 43.52
CA PRO B 70 3.27 -19.24 43.86
C PRO B 70 2.05 -18.34 43.79
N MET B 71 0.91 -18.96 43.50
CA MET B 71 -0.37 -18.27 43.46
C MET B 71 -1.36 -18.97 44.37
N ASN B 72 -2.09 -18.18 45.15
CA ASN B 72 -3.06 -18.70 46.11
C ASN B 72 -4.37 -19.16 45.46
N ILE B 73 -4.32 -19.87 44.33
CA ILE B 73 -5.55 -20.17 43.61
C ILE B 73 -6.37 -21.18 44.41
N ASP B 74 -7.62 -20.80 44.69
CA ASP B 74 -8.55 -21.59 45.49
C ASP B 74 -8.88 -22.88 44.76
N ARG B 75 -8.27 -23.99 45.20
CA ARG B 75 -8.52 -25.30 44.62
C ARG B 75 -9.22 -26.22 45.62
N ASN B 76 -9.93 -25.62 46.56
CA ASN B 76 -10.74 -26.39 47.50
C ASN B 76 -11.93 -26.98 46.76
N ILE B 77 -12.03 -28.31 46.75
CA ILE B 77 -13.07 -28.95 45.96
C ILE B 77 -14.46 -28.66 46.52
N THR B 78 -14.57 -28.34 47.80
CA THR B 78 -15.87 -28.03 48.37
C THR B 78 -16.32 -26.60 48.11
N HIS B 79 -15.43 -25.74 47.59
CA HIS B 79 -15.80 -24.38 47.20
C HIS B 79 -16.35 -24.30 45.80
N LEU B 80 -16.37 -25.43 45.09
CA LEU B 80 -16.90 -25.46 43.74
C LEU B 80 -18.42 -25.48 43.74
N GLN B 81 -19.01 -24.67 42.87
CA GLN B 81 -20.43 -24.77 42.55
C GLN B 81 -20.62 -25.82 41.45
N TYR B 82 -21.64 -26.64 41.59
CA TYR B 82 -21.79 -27.80 40.72
C TYR B 82 -23.26 -28.04 40.40
N CYS B 83 -23.50 -28.76 39.29
CA CYS B 83 -24.85 -29.16 38.92
C CYS B 83 -25.11 -30.58 39.42
N VAL B 84 -26.40 -30.94 39.49
CA VAL B 84 -26.79 -32.26 39.95
C VAL B 84 -27.66 -32.94 38.91
N CYS B 85 -27.48 -32.55 37.65
CA CYS B 85 -28.38 -33.00 36.58
C CYS B 85 -28.31 -34.50 36.39
N ILE B 86 -29.42 -35.06 35.88
CA ILE B 86 -29.49 -36.48 35.55
C ILE B 86 -29.53 -36.72 34.06
N ASP B 87 -29.42 -35.68 33.24
CA ASP B 87 -29.40 -35.77 31.79
C ASP B 87 -28.00 -35.39 31.29
N ASP B 88 -27.90 -34.92 30.05
CA ASP B 88 -26.65 -34.46 29.49
C ASP B 88 -26.44 -32.96 29.69
N CYS B 89 -27.10 -32.37 30.68
CA CYS B 89 -26.98 -30.93 30.97
C CYS B 89 -27.39 -30.05 29.78
N SER B 90 -28.41 -30.49 29.05
CA SER B 90 -29.09 -29.61 28.11
C SER B 90 -30.36 -29.03 28.71
N SER B 91 -30.71 -29.45 29.92
CA SER B 91 -31.84 -28.89 30.65
C SER B 91 -31.58 -27.44 31.03
N SER B 92 -32.67 -26.67 31.18
CA SER B 92 -32.56 -25.34 31.75
C SER B 92 -32.29 -25.36 33.24
N ASN B 93 -32.39 -26.53 33.88
CA ASN B 93 -32.22 -26.64 35.32
C ASN B 93 -30.76 -26.71 35.74
N CYS B 94 -29.84 -26.85 34.79
CA CYS B 94 -28.44 -27.03 35.12
C CYS B 94 -27.89 -25.75 35.73
N MET B 95 -27.36 -25.85 36.95
CA MET B 95 -26.88 -24.66 37.64
C MET B 95 -25.62 -24.10 36.96
N CYS B 96 -24.79 -24.98 36.39
CA CYS B 96 -23.61 -24.49 35.68
C CYS B 96 -24.00 -23.62 34.49
N GLY B 97 -25.14 -23.93 33.86
CA GLY B 97 -25.66 -23.04 32.85
C GLY B 97 -26.19 -21.74 33.45
N GLN B 98 -26.81 -21.83 34.63
CA GLN B 98 -27.36 -20.64 35.28
C GLN B 98 -26.27 -19.66 35.67
N LEU B 99 -25.14 -20.15 36.20
CA LEU B 99 -24.03 -19.27 36.53
C LEU B 99 -23.52 -18.54 35.30
N SER B 100 -23.67 -19.16 34.12
CA SER B 100 -23.34 -18.54 32.85
C SER B 100 -24.51 -17.81 32.22
N MET B 101 -25.53 -17.42 33.01
CA MET B 101 -26.83 -16.94 32.53
C MET B 101 -27.60 -18.06 31.85
N ARG B 102 -26.94 -18.75 30.92
CA ARG B 102 -27.51 -19.83 30.12
C ARG B 102 -26.36 -20.71 29.68
N CYS B 103 -26.64 -21.96 29.37
CA CYS B 103 -25.65 -22.77 28.66
C CYS B 103 -25.66 -22.36 27.19
N TRP B 104 -24.55 -21.82 26.73
CA TRP B 104 -24.47 -21.23 25.40
C TRP B 104 -23.96 -22.20 24.35
N TYR B 105 -23.77 -23.47 24.70
CA TYR B 105 -23.26 -24.47 23.76
C TYR B 105 -24.41 -25.25 23.13
N ASP B 106 -24.31 -25.49 21.82
CA ASP B 106 -25.27 -26.34 21.14
C ASP B 106 -24.79 -27.79 21.22
N LYS B 107 -25.44 -28.69 20.49
CA LYS B 107 -25.06 -30.10 20.52
C LYS B 107 -23.69 -30.35 19.92
N ASP B 108 -23.20 -29.46 19.05
CA ASP B 108 -21.91 -29.62 18.41
C ASP B 108 -20.78 -28.93 19.16
N GLY B 109 -21.09 -28.23 20.25
CA GLY B 109 -20.07 -27.52 20.99
C GLY B 109 -19.81 -26.10 20.54
N ARG B 110 -20.66 -25.52 19.69
CA ARG B 110 -20.51 -24.17 19.19
C ARG B 110 -21.41 -23.21 19.94
N LEU B 111 -21.04 -21.93 19.92
CA LEU B 111 -21.84 -20.92 20.60
C LEU B 111 -23.13 -20.65 19.84
N LEU B 112 -24.20 -20.43 20.59
CA LEU B 112 -25.47 -20.09 19.98
C LEU B 112 -25.40 -18.72 19.30
N PRO B 113 -26.25 -18.48 18.30
CA PRO B 113 -26.29 -17.14 17.70
C PRO B 113 -26.65 -16.05 18.69
N GLU B 114 -27.46 -16.36 19.71
CA GLU B 114 -27.85 -15.38 20.71
C GLU B 114 -26.70 -14.93 21.60
N PHE B 115 -25.55 -15.60 21.51
CA PHE B 115 -24.40 -15.25 22.32
C PHE B 115 -23.91 -13.85 21.96
N ASN B 116 -23.82 -12.99 22.98
CA ASN B 116 -23.42 -11.59 22.78
C ASN B 116 -21.90 -11.50 22.71
N MET B 117 -21.37 -11.50 21.49
CA MET B 117 -19.92 -11.46 21.32
C MET B 117 -19.35 -10.06 21.52
N ALA B 118 -20.19 -9.06 21.73
CA ALA B 118 -19.68 -7.73 22.03
C ALA B 118 -19.39 -7.59 23.53
N GLU B 119 -20.27 -8.13 24.36
CA GLU B 119 -20.12 -8.11 25.82
C GLU B 119 -20.29 -9.55 26.30
N PRO B 120 -19.26 -10.38 26.15
CA PRO B 120 -19.38 -11.80 26.51
C PRO B 120 -19.56 -11.97 28.02
N PRO B 121 -20.39 -12.91 28.44
CA PRO B 121 -20.52 -13.22 29.86
C PRO B 121 -19.51 -14.28 30.29
N LEU B 122 -19.40 -14.45 31.60
CA LEU B 122 -18.54 -15.50 32.13
C LEU B 122 -19.18 -16.85 31.86
N ILE B 123 -18.40 -17.80 31.34
CA ILE B 123 -18.88 -19.14 31.05
C ILE B 123 -18.39 -20.09 32.14
N PHE B 124 -19.32 -20.74 32.83
CA PHE B 124 -19.01 -21.74 33.84
C PHE B 124 -19.28 -23.12 33.24
N GLU B 125 -18.22 -23.84 32.89
CA GLU B 125 -18.39 -25.21 32.42
C GLU B 125 -18.55 -26.15 33.60
N CYS B 126 -19.10 -27.34 33.35
CA CYS B 126 -19.20 -28.34 34.40
C CYS B 126 -17.81 -28.86 34.78
N ASN B 127 -17.73 -29.51 35.94
CA ASN B 127 -16.45 -29.85 36.54
C ASN B 127 -16.54 -31.20 37.24
N HIS B 128 -15.46 -31.58 37.92
CA HIS B 128 -15.38 -32.88 38.56
C HIS B 128 -16.22 -32.97 39.82
N ALA B 129 -16.79 -31.85 40.28
CA ALA B 129 -17.73 -31.86 41.39
C ALA B 129 -19.17 -32.08 40.94
N CYS B 130 -19.47 -31.84 39.67
CA CYS B 130 -20.81 -32.09 39.16
C CYS B 130 -21.12 -33.59 39.16
N SER B 131 -22.40 -33.89 38.98
CA SER B 131 -22.87 -35.26 38.82
C SER B 131 -22.98 -35.68 37.37
N CYS B 132 -22.92 -34.73 36.44
CA CYS B 132 -22.99 -35.08 35.03
C CYS B 132 -21.77 -35.87 34.61
N TRP B 133 -21.82 -36.41 33.40
CA TRP B 133 -20.75 -37.21 32.85
C TRP B 133 -19.75 -36.33 32.11
N ARG B 134 -18.56 -36.89 31.89
CA ARG B 134 -17.48 -36.18 31.21
C ARG B 134 -17.86 -35.76 29.78
N ASN B 135 -18.92 -36.34 29.21
CA ASN B 135 -19.35 -36.00 27.86
C ASN B 135 -20.57 -35.09 27.81
N CYS B 136 -20.95 -34.46 28.93
CA CYS B 136 -22.14 -33.63 28.93
C CYS B 136 -21.96 -32.43 27.98
N ARG B 137 -23.09 -31.76 27.70
CA ARG B 137 -23.07 -30.67 26.74
C ARG B 137 -22.20 -29.51 27.19
N ASN B 138 -22.10 -29.27 28.51
CA ASN B 138 -21.45 -28.07 29.04
C ASN B 138 -19.95 -28.23 29.23
N ARG B 139 -19.27 -28.83 28.25
CA ARG B 139 -17.83 -29.07 28.32
C ARG B 139 -17.26 -28.87 26.92
N VAL B 140 -16.52 -27.78 26.73
CA VAL B 140 -15.96 -27.44 25.41
C VAL B 140 -14.50 -27.03 25.55
N VAL B 141 -14.24 -25.92 26.25
CA VAL B 141 -12.87 -25.44 26.41
C VAL B 141 -12.02 -26.49 27.11
N GLN B 142 -12.58 -27.13 28.14
CA GLN B 142 -11.84 -28.15 28.88
C GLN B 142 -11.45 -29.35 28.03
N ASN B 143 -11.89 -29.41 26.79
CA ASN B 143 -11.54 -30.52 25.90
C ASN B 143 -10.35 -30.21 25.02
N GLY B 144 -9.73 -29.04 25.18
CA GLY B 144 -8.51 -28.70 24.48
C GLY B 144 -8.71 -28.27 23.04
N LEU B 145 -7.57 -28.13 22.37
CA LEU B 145 -7.53 -27.66 20.99
C LEU B 145 -7.94 -28.76 20.02
N ARG B 146 -8.75 -28.39 19.02
CA ARG B 146 -9.25 -29.39 18.08
C ARG B 146 -9.08 -28.95 16.62
N ALA B 147 -9.19 -27.64 16.36
CA ALA B 147 -9.03 -27.13 15.00
C ALA B 147 -7.58 -27.26 14.52
N ARG B 148 -7.41 -27.56 13.24
CA ARG B 148 -6.08 -27.74 12.64
C ARG B 148 -5.51 -26.38 12.28
N LEU B 149 -4.52 -25.93 13.05
CA LEU B 149 -3.91 -24.62 12.84
C LEU B 149 -2.51 -24.77 12.29
N GLN B 150 -1.92 -23.63 11.90
CA GLN B 150 -0.58 -23.61 11.35
C GLN B 150 0.09 -22.28 11.68
N LEU B 151 1.35 -22.35 12.10
CA LEU B 151 2.17 -21.17 12.29
C LEU B 151 2.93 -20.89 11.00
N TYR B 152 2.91 -19.63 10.54
CA TYR B 152 3.48 -19.32 9.25
C TYR B 152 4.14 -17.94 9.29
N ARG B 153 5.10 -17.76 8.40
CA ARG B 153 5.85 -16.51 8.25
C ARG B 153 5.14 -15.61 7.26
N THR B 154 4.86 -14.37 7.69
CA THR B 154 4.05 -13.45 6.90
C THR B 154 4.92 -12.59 5.98
N ARG B 155 4.25 -11.76 5.17
CA ARG B 155 4.96 -10.90 4.23
C ARG B 155 5.63 -9.71 4.94
N ASP B 156 5.05 -9.22 6.04
CA ASP B 156 5.75 -8.30 6.93
C ASP B 156 4.98 -8.05 8.23
N MET B 157 4.21 -9.04 8.68
CA MET B 157 3.61 -9.01 10.00
C MET B 157 4.35 -9.86 11.03
N GLY B 158 5.50 -10.43 10.64
CA GLY B 158 6.28 -11.30 11.52
C GLY B 158 5.81 -12.76 11.42
N TRP B 159 5.26 -13.27 12.52
CA TRP B 159 4.67 -14.59 12.56
C TRP B 159 3.16 -14.48 12.71
N GLY B 160 2.45 -15.47 12.18
CA GLY B 160 1.00 -15.48 12.25
C GLY B 160 0.45 -16.89 12.32
N VAL B 161 -0.83 -16.98 12.69
CA VAL B 161 -1.53 -18.24 12.82
C VAL B 161 -2.69 -18.26 11.84
N ARG B 162 -2.79 -19.33 11.06
CA ARG B 162 -3.84 -19.47 10.07
C ARG B 162 -4.51 -20.82 10.28
N SER B 163 -5.72 -20.95 9.73
CA SER B 163 -6.49 -22.18 9.81
C SER B 163 -6.30 -22.99 8.53
N LEU B 164 -6.15 -24.30 8.68
CA LEU B 164 -6.03 -25.20 7.54
C LEU B 164 -7.38 -25.75 7.07
N GLN B 165 -8.45 -25.55 7.82
CA GLN B 165 -9.77 -26.05 7.45
C GLN B 165 -10.81 -25.00 7.79
N ASP B 166 -12.03 -25.22 7.30
CA ASP B 166 -13.13 -24.32 7.62
C ASP B 166 -13.48 -24.43 9.10
N ILE B 167 -13.74 -23.28 9.73
CA ILE B 167 -14.11 -23.24 11.14
C ILE B 167 -15.47 -22.56 11.25
N PRO B 168 -16.51 -23.29 11.64
CA PRO B 168 -17.87 -22.71 11.65
C PRO B 168 -17.98 -21.59 12.66
N PRO B 169 -18.99 -20.74 12.55
CA PRO B 169 -19.14 -19.64 13.52
C PRO B 169 -19.40 -20.16 14.91
N GLY B 170 -18.73 -19.54 15.89
CA GLY B 170 -18.90 -19.88 17.30
C GLY B 170 -18.11 -21.06 17.78
N THR B 171 -17.07 -21.47 17.07
CA THR B 171 -16.25 -22.60 17.46
C THR B 171 -15.13 -22.15 18.38
N PHE B 172 -14.84 -22.94 19.41
CA PHE B 172 -13.68 -22.69 20.26
C PHE B 172 -12.42 -23.06 19.50
N VAL B 173 -11.51 -22.09 19.34
CA VAL B 173 -10.34 -22.29 18.49
C VAL B 173 -9.12 -22.65 19.33
N CYS B 174 -8.75 -21.80 20.28
CA CYS B 174 -7.59 -22.07 21.13
C CYS B 174 -7.69 -21.22 22.39
N GLU B 175 -6.85 -21.56 23.37
CA GLU B 175 -6.81 -20.86 24.65
C GLU B 175 -5.55 -20.01 24.71
N TYR B 176 -5.65 -18.83 25.31
CA TYR B 176 -4.48 -17.97 25.52
C TYR B 176 -3.83 -18.36 26.83
N VAL B 177 -2.80 -19.23 26.76
CA VAL B 177 -2.16 -19.76 27.95
C VAL B 177 -0.76 -19.17 28.05
N GLY B 178 -0.29 -19.06 29.29
CA GLY B 178 1.06 -18.57 29.57
C GLY B 178 1.39 -18.52 31.05
N GLU B 179 2.24 -17.57 31.44
CA GLU B 179 2.67 -17.45 32.82
C GLU B 179 1.72 -16.53 33.57
N LEU B 180 1.21 -17.00 34.71
CA LEU B 180 0.29 -16.21 35.53
C LEU B 180 1.10 -15.32 36.46
N ILE B 181 0.92 -14.01 36.33
CA ILE B 181 1.63 -13.04 37.15
C ILE B 181 0.66 -11.97 37.65
N SER B 182 1.09 -11.25 38.69
CA SER B 182 0.33 -10.14 39.24
C SER B 182 0.54 -8.88 38.40
N ASP B 183 -0.29 -7.87 38.66
CA ASP B 183 -0.10 -6.58 38.01
C ASP B 183 1.16 -5.89 38.49
N SER B 184 1.50 -6.07 39.78
CA SER B 184 2.77 -5.59 40.31
C SER B 184 3.94 -6.20 39.55
N GLU B 185 3.92 -7.53 39.39
CA GLU B 185 5.00 -8.20 38.67
C GLU B 185 5.05 -7.78 37.21
N ALA B 186 3.91 -7.36 36.65
CA ALA B 186 3.91 -6.98 35.25
C ALA B 186 4.58 -5.63 35.03
N ASP B 187 4.47 -4.72 36.01
CA ASP B 187 5.12 -3.41 35.90
C ASP B 187 6.64 -3.55 35.81
N VAL B 188 7.19 -4.59 36.43
CA VAL B 188 8.62 -4.83 36.59
C VAL B 188 9.20 -5.46 35.34
N ARG B 189 8.34 -5.82 34.38
CA ARG B 189 8.78 -6.60 33.23
C ARG B 189 9.12 -5.72 32.03
N GLU B 190 10.14 -6.15 31.29
CA GLU B 190 10.60 -5.37 30.14
C GLU B 190 9.54 -5.33 29.06
N GLU B 191 9.20 -6.50 28.51
CA GLU B 191 8.25 -6.61 27.41
C GLU B 191 6.83 -6.73 27.94
N ASP B 192 5.93 -5.91 27.38
CA ASP B 192 4.52 -5.94 27.74
C ASP B 192 3.62 -6.32 26.56
N SER B 193 4.20 -6.68 25.42
CA SER B 193 3.42 -6.99 24.24
C SER B 193 2.73 -8.35 24.30
N TYR B 194 2.99 -9.15 25.34
CA TYR B 194 2.40 -10.49 25.46
C TYR B 194 1.50 -10.63 26.68
N LEU B 195 1.12 -9.53 27.32
CA LEU B 195 0.26 -9.61 28.48
C LEU B 195 -1.21 -9.72 28.07
N PHE B 196 -2.02 -10.26 28.97
CA PHE B 196 -3.47 -10.31 28.82
C PHE B 196 -4.08 -10.04 30.18
N ASP B 197 -5.02 -9.10 30.24
CA ASP B 197 -5.52 -8.63 31.53
C ASP B 197 -6.81 -9.33 31.92
N LEU B 198 -6.95 -9.70 33.19
CA LEU B 198 -8.16 -10.43 33.60
C LEU B 198 -8.78 -9.72 34.76
N ASP B 199 -10.04 -9.28 34.70
CA ASP B 199 -10.79 -8.69 35.86
C ASP B 199 -10.30 -7.28 36.24
N ASN B 200 -10.92 -6.70 37.27
CA ASN B 200 -10.70 -5.39 37.91
C ASN B 200 -11.74 -5.29 39.03
N LYS B 201 -12.23 -6.42 39.55
CA LYS B 201 -13.28 -6.36 40.59
C LYS B 201 -12.81 -6.99 41.90
N GLU B 204 -7.27 -6.85 43.55
CA GLU B 204 -6.04 -7.43 43.02
C GLU B 204 -6.28 -7.94 41.60
N VAL B 205 -5.49 -7.43 40.66
CA VAL B 205 -5.58 -7.79 39.25
C VAL B 205 -4.41 -8.69 38.89
N TYR B 206 -4.66 -9.68 38.04
CA TYR B 206 -3.65 -10.62 37.58
C TYR B 206 -3.65 -10.68 36.07
N CYS B 207 -2.60 -11.29 35.50
CA CYS B 207 -2.38 -11.23 34.06
C CYS B 207 -1.76 -12.53 33.59
N ILE B 208 -1.77 -12.70 32.26
CA ILE B 208 -1.15 -13.85 31.62
C ILE B 208 -0.06 -13.32 30.69
N ASP B 209 1.19 -13.68 30.99
CA ASP B 209 2.34 -13.25 30.20
C ASP B 209 2.80 -14.42 29.34
N ALA B 210 2.65 -14.30 28.03
CA ALA B 210 3.10 -15.34 27.11
C ALA B 210 4.47 -15.04 26.55
N ARG B 211 5.24 -14.17 27.20
CA ARG B 211 6.58 -13.85 26.73
C ARG B 211 7.50 -15.07 26.82
N PHE B 212 7.67 -15.61 28.02
CA PHE B 212 8.62 -16.71 28.23
C PHE B 212 7.97 -18.08 28.15
N TYR B 213 6.74 -18.23 28.66
CA TYR B 213 5.97 -19.46 28.52
C TYR B 213 4.65 -19.14 27.86
N GLY B 214 4.32 -19.86 26.78
CA GLY B 214 3.04 -19.65 26.13
C GLY B 214 2.76 -20.71 25.08
N ASN B 215 1.60 -20.58 24.43
CA ASN B 215 1.26 -21.50 23.35
C ASN B 215 1.03 -20.79 22.02
N VAL B 216 0.34 -21.45 21.10
CA VAL B 216 0.11 -20.89 19.77
C VAL B 216 -0.52 -19.50 19.85
N SER B 217 -1.28 -19.21 20.91
CA SER B 217 -2.02 -17.96 20.93
C SER B 217 -1.12 -16.74 21.05
N ARG B 218 0.13 -16.92 21.46
CA ARG B 218 1.04 -15.78 21.55
C ARG B 218 1.41 -15.23 20.18
N PHE B 219 1.24 -16.03 19.13
CA PHE B 219 1.54 -15.62 17.76
C PHE B 219 0.34 -15.08 17.01
N ILE B 220 -0.85 -15.06 17.63
CA ILE B 220 -2.02 -14.52 16.95
C ILE B 220 -1.88 -13.00 16.85
N ASN B 221 -2.03 -12.49 15.62
CA ASN B 221 -1.83 -11.08 15.33
C ASN B 221 -3.10 -10.28 15.59
N HIS B 222 -2.93 -8.97 15.68
CA HIS B 222 -4.07 -8.08 15.81
C HIS B 222 -4.80 -7.95 14.49
N HIS B 223 -6.09 -7.63 14.56
CA HIS B 223 -6.90 -7.37 13.39
C HIS B 223 -8.08 -6.49 13.80
N CYS B 224 -8.30 -5.42 13.04
CA CYS B 224 -9.38 -4.51 13.40
C CYS B 224 -10.74 -5.04 12.96
N GLU B 225 -10.76 -6.00 12.04
CA GLU B 225 -11.95 -6.77 11.70
C GLU B 225 -11.74 -8.21 12.20
N PRO B 226 -11.86 -8.44 13.51
CA PRO B 226 -11.40 -9.72 14.06
C PRO B 226 -12.37 -10.85 13.82
N ASN B 227 -11.81 -12.03 13.53
CA ASN B 227 -12.57 -13.26 13.43
C ASN B 227 -12.49 -14.11 14.70
N LEU B 228 -11.92 -13.57 15.78
CA LEU B 228 -11.86 -14.24 17.07
C LEU B 228 -12.18 -13.24 18.15
N VAL B 229 -12.80 -13.73 19.22
CA VAL B 229 -13.14 -12.91 20.38
C VAL B 229 -12.79 -13.66 21.66
N PRO B 230 -12.16 -13.02 22.64
CA PRO B 230 -11.82 -13.71 23.89
C PRO B 230 -12.99 -13.75 24.87
N VAL B 231 -13.18 -14.92 25.48
CA VAL B 231 -14.23 -15.14 26.47
C VAL B 231 -13.59 -15.68 27.75
N ARG B 232 -14.03 -15.16 28.90
CA ARG B 232 -13.59 -15.65 30.20
C ARG B 232 -14.34 -16.94 30.56
N VAL B 233 -13.59 -18.00 30.86
CA VAL B 233 -14.17 -19.32 31.12
C VAL B 233 -13.61 -19.87 32.44
N PHE B 234 -14.43 -20.64 33.15
CA PHE B 234 -14.05 -21.32 34.39
C PHE B 234 -14.35 -22.81 34.27
N MET B 235 -13.40 -23.64 34.72
CA MET B 235 -13.51 -25.09 34.53
C MET B 235 -13.21 -25.84 35.82
N ALA B 236 -11.95 -26.20 36.05
CA ALA B 236 -11.57 -27.00 37.21
C ALA B 236 -11.56 -26.20 38.51
N HIS B 237 -11.53 -24.87 38.42
CA HIS B 237 -11.62 -24.01 39.59
C HIS B 237 -12.49 -22.81 39.22
N GLN B 238 -13.02 -22.16 40.27
CA GLN B 238 -13.88 -21.01 40.06
C GLN B 238 -13.38 -19.79 40.83
N ASP B 239 -12.06 -19.67 40.97
CA ASP B 239 -11.43 -18.50 41.57
C ASP B 239 -11.47 -17.37 40.56
N LEU B 240 -12.39 -16.41 40.77
CA LEU B 240 -12.65 -15.40 39.74
C LEU B 240 -11.47 -14.46 39.50
N ARG B 241 -10.43 -14.52 40.32
CA ARG B 241 -9.23 -13.75 40.06
C ARG B 241 -8.44 -14.30 38.88
N PHE B 242 -8.69 -15.55 38.50
CA PHE B 242 -7.93 -16.23 37.44
C PHE B 242 -8.87 -16.89 36.44
N PRO B 243 -9.58 -16.10 35.65
CA PRO B 243 -10.35 -16.68 34.54
C PRO B 243 -9.41 -17.13 33.43
N ARG B 244 -9.78 -18.22 32.78
CA ARG B 244 -9.05 -18.69 31.61
C ARG B 244 -9.64 -18.05 30.36
N ILE B 245 -8.78 -17.74 29.38
CA ILE B 245 -9.17 -16.93 28.23
C ILE B 245 -9.30 -17.84 27.01
N ALA B 246 -10.53 -18.00 26.51
CA ALA B 246 -10.82 -18.85 25.36
C ALA B 246 -11.21 -18.04 24.15
N PHE B 247 -10.65 -18.41 22.99
CA PHE B 247 -10.89 -17.73 21.72
C PHE B 247 -11.94 -18.48 20.92
N PHE B 248 -13.10 -17.84 20.70
CA PHE B 248 -14.15 -18.38 19.85
C PHE B 248 -14.23 -17.59 18.56
N SER B 249 -14.70 -18.26 17.50
CA SER B 249 -14.80 -17.64 16.18
C SER B 249 -16.09 -16.81 16.08
N THR B 250 -15.95 -15.58 15.58
CA THR B 250 -17.07 -14.67 15.40
C THR B 250 -17.84 -14.89 14.11
N ARG B 251 -17.28 -15.65 13.18
CA ARG B 251 -17.91 -15.92 11.89
C ARG B 251 -17.25 -17.18 11.32
N LEU B 252 -17.59 -17.52 10.08
CA LEU B 252 -16.91 -18.65 9.45
C LEU B 252 -15.50 -18.24 9.06
N ILE B 253 -14.53 -19.09 9.39
CA ILE B 253 -13.13 -18.88 9.03
C ILE B 253 -12.77 -19.92 7.98
N GLU B 254 -12.41 -19.43 6.79
CA GLU B 254 -12.20 -20.34 5.67
C GLU B 254 -10.77 -20.87 5.67
N ALA B 255 -10.58 -22.01 5.01
CA ALA B 255 -9.28 -22.66 4.96
C ALA B 255 -8.25 -21.72 4.35
N GLY B 256 -7.18 -21.47 5.11
CA GLY B 256 -6.12 -20.55 4.72
C GLY B 256 -6.24 -19.17 5.34
N GLU B 257 -7.39 -18.82 5.90
CA GLU B 257 -7.56 -17.51 6.50
C GLU B 257 -6.69 -17.39 7.75
N GLN B 258 -6.29 -16.16 8.04
CA GLN B 258 -5.47 -15.89 9.21
C GLN B 258 -6.36 -15.54 10.40
N LEU B 259 -5.94 -15.97 11.59
CA LEU B 259 -6.63 -15.63 12.82
C LEU B 259 -6.23 -14.22 13.28
N GLY B 260 -7.09 -13.62 14.09
CA GLY B 260 -6.82 -12.30 14.62
C GLY B 260 -7.88 -11.87 15.61
N PHE B 261 -7.50 -11.07 16.61
CA PHE B 261 -8.47 -10.56 17.57
C PHE B 261 -8.10 -9.13 17.92
N ASP B 262 -9.06 -8.42 18.50
CA ASP B 262 -8.86 -7.03 18.89
C ASP B 262 -7.99 -6.97 20.13
N TYR B 263 -6.81 -6.36 20.01
CA TYR B 263 -5.89 -6.27 21.14
C TYR B 263 -6.42 -5.33 22.22
N GLY B 264 -7.30 -4.41 21.89
CA GLY B 264 -7.87 -3.50 22.86
C GLY B 264 -7.18 -2.14 22.86
N GLU B 265 -7.82 -1.20 23.57
CA GLU B 265 -7.31 0.17 23.62
C GLU B 265 -5.93 0.23 24.27
N ARG B 266 -5.79 -0.41 25.44
CA ARG B 266 -4.57 -0.26 26.22
C ARG B 266 -3.34 -0.61 25.41
N PHE B 267 -3.41 -1.67 24.60
CA PHE B 267 -2.26 -2.06 23.80
C PHE B 267 -1.91 -0.98 22.78
N TRP B 268 -2.93 -0.44 22.10
CA TRP B 268 -2.64 0.50 21.00
C TRP B 268 -2.37 1.91 21.50
N ASP B 269 -2.91 2.28 22.67
CA ASP B 269 -2.52 3.56 23.26
C ASP B 269 -1.03 3.59 23.61
N ILE B 270 -0.41 2.42 23.79
CA ILE B 270 1.00 2.34 24.16
C ILE B 270 1.82 2.04 22.92
N LYS B 271 1.51 0.95 22.24
CA LYS B 271 2.33 0.50 21.12
C LYS B 271 2.01 1.22 19.82
N GLY B 272 1.00 2.11 19.82
CA GLY B 272 0.74 2.90 18.64
C GLY B 272 1.83 3.90 18.32
N LYS B 273 2.59 4.32 19.33
CA LYS B 273 3.66 5.28 19.15
C LYS B 273 4.86 4.71 18.40
N LEU B 274 4.92 3.40 18.18
CA LEU B 274 6.11 2.76 17.65
C LEU B 274 5.93 2.19 16.25
N PHE B 275 4.74 1.73 15.90
CA PHE B 275 4.49 1.20 14.56
C PHE B 275 3.00 1.17 14.29
N SER B 276 2.64 0.87 13.05
CA SER B 276 1.27 0.93 12.58
C SER B 276 0.71 -0.47 12.36
N CYS B 277 -0.62 -0.60 12.50
CA CYS B 277 -1.28 -1.86 12.21
C CYS B 277 -1.21 -2.16 10.72
N ARG B 278 -1.05 -3.44 10.39
CA ARG B 278 -0.88 -3.88 9.01
C ARG B 278 -1.85 -5.00 8.66
N CYS B 279 -3.04 -5.00 9.26
CA CYS B 279 -4.02 -6.03 8.94
C CYS B 279 -4.44 -5.99 7.47
N GLY B 280 -4.36 -4.81 6.85
CA GLY B 280 -4.79 -4.67 5.47
C GLY B 280 -6.29 -4.53 5.32
N SER B 281 -6.94 -3.87 6.26
CA SER B 281 -8.39 -3.79 6.27
C SER B 281 -8.85 -2.41 5.83
N PRO B 282 -9.94 -2.34 5.05
CA PRO B 282 -10.53 -1.04 4.74
C PRO B 282 -10.99 -0.26 5.96
N LYS B 283 -11.29 -0.94 7.07
CA LYS B 283 -11.80 -0.29 8.27
C LYS B 283 -10.76 -0.26 9.39
N CYS B 284 -9.48 -0.15 9.04
CA CYS B 284 -8.42 -0.21 10.05
C CYS B 284 -8.48 1.02 10.94
N ARG B 285 -8.67 0.80 12.24
CA ARG B 285 -8.74 1.89 13.20
C ARG B 285 -7.38 2.40 13.64
N HIS B 286 -6.31 1.62 13.40
CA HIS B 286 -4.96 2.03 13.81
C HIS B 286 -4.11 2.20 12.57
N SER B 287 -4.68 2.92 11.60
CA SER B 287 -4.15 3.18 10.27
C SER B 287 -2.67 3.45 10.19
N VAL C 27 32.60 -18.99 -22.15
CA VAL C 27 32.22 -19.32 -23.51
C VAL C 27 30.97 -18.53 -23.92
N GLU C 28 30.91 -18.20 -25.22
CA GLU C 28 29.87 -17.48 -25.97
C GLU C 28 30.51 -16.33 -26.73
N ARG C 29 30.65 -16.48 -28.04
CA ARG C 29 31.34 -15.49 -28.87
C ARG C 29 30.34 -14.78 -29.78
N ILE C 30 30.47 -13.45 -29.85
CA ILE C 30 29.61 -12.60 -30.67
C ILE C 30 30.20 -12.56 -32.08
N VAL C 31 29.53 -13.21 -33.03
CA VAL C 31 29.94 -13.14 -34.43
C VAL C 31 29.18 -12.10 -35.23
N SER C 32 28.10 -11.54 -34.67
CA SER C 32 27.43 -10.39 -35.27
C SER C 32 26.55 -9.70 -34.23
N ARG C 33 26.56 -8.37 -34.26
CA ARG C 33 25.75 -7.61 -33.31
C ARG C 33 24.32 -7.41 -33.80
N ASP C 34 24.07 -7.64 -35.11
CA ASP C 34 22.75 -7.52 -35.70
C ASP C 34 22.73 -8.12 -37.10
N ILE C 35 22.15 -9.31 -37.27
CA ILE C 35 22.12 -9.92 -38.59
C ILE C 35 21.16 -9.22 -39.52
N ALA C 36 20.29 -8.35 -38.98
CA ALA C 36 19.30 -7.64 -39.77
C ALA C 36 19.76 -6.25 -40.21
N ARG C 37 20.94 -5.83 -39.75
CA ARG C 37 21.51 -4.53 -40.15
C ARG C 37 20.51 -3.39 -39.95
N GLY C 38 19.79 -3.42 -38.84
CA GLY C 38 18.94 -2.32 -38.47
C GLY C 38 17.61 -2.26 -39.19
N TYR C 39 17.24 -3.29 -39.94
CA TYR C 39 15.95 -3.30 -40.61
C TYR C 39 14.79 -3.69 -39.68
N GLU C 40 15.09 -4.03 -38.43
CA GLU C 40 14.07 -4.30 -37.42
C GLU C 40 14.14 -3.24 -36.33
N ARG C 41 13.15 -3.29 -35.42
CA ARG C 41 13.13 -2.33 -34.31
C ARG C 41 14.30 -2.57 -33.38
N ILE C 42 14.65 -3.83 -33.16
CA ILE C 42 15.71 -4.21 -32.21
C ILE C 42 16.80 -4.95 -32.99
N PRO C 43 18.04 -4.96 -32.52
CA PRO C 43 19.04 -5.80 -33.17
C PRO C 43 18.77 -7.28 -32.94
N ILE C 44 19.13 -8.09 -33.93
CA ILE C 44 19.12 -9.54 -33.79
C ILE C 44 20.56 -10.03 -33.84
N PRO C 45 21.24 -10.13 -32.69
CA PRO C 45 22.64 -10.53 -32.71
C PRO C 45 22.80 -12.02 -33.00
N CYS C 46 24.03 -12.38 -33.34
CA CYS C 46 24.40 -13.77 -33.58
C CYS C 46 25.52 -14.17 -32.63
N VAL C 47 25.34 -15.29 -31.93
CA VAL C 47 26.34 -15.78 -31.00
C VAL C 47 26.61 -17.25 -31.29
N ASN C 48 27.83 -17.68 -30.96
CA ASN C 48 28.25 -19.07 -31.10
C ASN C 48 29.07 -19.44 -29.87
N ALA C 49 28.62 -20.47 -29.14
CA ALA C 49 29.30 -20.93 -27.95
C ALA C 49 29.62 -22.42 -28.02
N VAL C 50 29.76 -22.97 -29.22
CA VAL C 50 30.11 -24.38 -29.35
C VAL C 50 31.30 -24.55 -30.29
N ASP C 51 31.12 -24.32 -31.59
CA ASP C 51 32.17 -24.57 -32.57
C ASP C 51 32.63 -23.24 -33.18
N SER C 52 33.05 -23.28 -34.46
CA SER C 52 33.77 -22.18 -35.11
C SER C 52 33.06 -21.69 -36.37
N GLU C 53 31.75 -21.93 -36.48
CA GLU C 53 31.02 -21.45 -37.63
C GLU C 53 30.85 -19.94 -37.58
N PRO C 54 31.12 -19.22 -38.67
CA PRO C 54 30.85 -17.78 -38.69
C PRO C 54 29.36 -17.52 -38.87
N CYS C 55 28.98 -16.26 -38.71
CA CYS C 55 27.61 -15.86 -38.91
C CYS C 55 27.17 -16.24 -40.33
N PRO C 56 26.01 -16.90 -40.50
CA PRO C 56 25.62 -17.41 -41.82
C PRO C 56 25.46 -16.27 -42.82
N SER C 57 25.92 -16.52 -44.06
CA SER C 57 25.95 -15.44 -45.04
C SER C 57 25.69 -15.92 -46.46
N ASN C 58 25.16 -17.13 -46.65
CA ASN C 58 24.78 -17.61 -47.99
C ASN C 58 23.35 -17.20 -48.35
N TYR C 59 22.88 -16.09 -47.80
CA TYR C 59 21.55 -15.57 -48.08
C TYR C 59 21.56 -14.07 -47.86
N LYS C 60 20.51 -13.41 -48.36
CA LYS C 60 20.30 -11.97 -48.19
C LYS C 60 19.17 -11.74 -47.20
N TYR C 61 19.46 -11.03 -46.10
CA TYR C 61 18.45 -10.72 -45.11
C TYR C 61 17.52 -9.64 -45.65
N VAL C 62 16.21 -9.91 -45.60
CA VAL C 62 15.19 -8.92 -45.91
C VAL C 62 14.14 -8.99 -44.81
N SER C 63 13.56 -7.83 -44.48
CA SER C 63 12.54 -7.76 -43.44
C SER C 63 11.12 -7.95 -43.97
N GLN C 64 10.92 -7.83 -45.29
CA GLN C 64 9.62 -8.02 -45.91
C GLN C 64 9.77 -9.00 -47.08
N ASN C 65 8.67 -9.65 -47.44
CA ASN C 65 8.67 -10.56 -48.58
C ASN C 65 9.09 -9.84 -49.84
N CYS C 66 9.78 -10.55 -50.74
CA CYS C 66 10.22 -10.00 -52.01
C CYS C 66 9.93 -10.99 -53.12
N VAL C 67 10.11 -10.53 -54.36
CA VAL C 67 9.88 -11.36 -55.53
C VAL C 67 11.02 -11.15 -56.51
N THR C 68 11.26 -12.17 -57.34
CA THR C 68 12.09 -12.02 -58.53
C THR C 68 11.19 -12.00 -59.76
N SER C 69 10.61 -13.14 -60.12
CA SER C 69 9.60 -13.15 -61.17
C SER C 69 8.34 -12.46 -60.66
N PRO C 70 7.65 -11.71 -61.51
CA PRO C 70 6.49 -10.93 -61.05
C PRO C 70 5.35 -11.82 -60.56
N MET C 71 4.53 -11.24 -59.69
CA MET C 71 3.31 -11.86 -59.19
C MET C 71 2.18 -10.86 -59.33
N ASN C 72 1.01 -11.34 -59.72
CA ASN C 72 -0.11 -10.43 -59.99
C ASN C 72 -0.90 -10.11 -58.72
N ILE C 73 -0.18 -9.83 -57.62
CA ILE C 73 -0.80 -9.52 -56.34
C ILE C 73 -1.79 -8.38 -56.52
N ASP C 74 -3.08 -8.69 -56.34
CA ASP C 74 -4.12 -7.70 -56.48
C ASP C 74 -3.94 -6.58 -55.46
N ARG C 75 -3.32 -5.48 -55.88
CA ARG C 75 -3.13 -4.32 -55.04
C ARG C 75 -4.06 -3.16 -55.42
N ASN C 76 -5.19 -3.48 -56.05
CA ASN C 76 -6.24 -2.48 -56.27
C ASN C 76 -6.83 -2.09 -54.93
N ILE C 77 -6.77 -0.80 -54.61
CA ILE C 77 -7.23 -0.38 -53.30
C ILE C 77 -8.74 -0.55 -53.15
N THR C 78 -9.49 -0.49 -54.25
CA THR C 78 -10.94 -0.61 -54.18
C THR C 78 -11.40 -2.05 -54.01
N HIS C 79 -10.52 -3.04 -54.22
CA HIS C 79 -10.87 -4.42 -53.95
C HIS C 79 -10.71 -4.80 -52.49
N LEU C 80 -10.26 -3.87 -51.64
CA LEU C 80 -10.14 -4.15 -50.22
C LEU C 80 -11.50 -4.04 -49.53
N GLN C 81 -11.78 -4.98 -48.64
CA GLN C 81 -12.89 -4.83 -47.72
C GLN C 81 -12.39 -4.17 -46.45
N TYR C 82 -13.13 -3.17 -45.97
CA TYR C 82 -12.67 -2.30 -44.92
C TYR C 82 -13.77 -2.09 -43.90
N CYS C 83 -13.38 -1.65 -42.70
CA CYS C 83 -14.34 -1.29 -41.68
C CYS C 83 -14.63 0.22 -41.77
N VAL C 84 -15.70 0.63 -41.10
CA VAL C 84 -16.08 2.05 -41.10
C VAL C 84 -16.25 2.53 -39.67
N CYS C 85 -15.55 1.89 -38.73
CA CYS C 85 -15.75 2.19 -37.31
C CYS C 85 -15.33 3.60 -36.96
N ILE C 86 -15.95 4.12 -35.90
CA ILE C 86 -15.62 5.43 -35.34
C ILE C 86 -14.86 5.32 -34.04
N ASP C 87 -14.63 4.10 -33.54
CA ASP C 87 -13.91 3.84 -32.30
C ASP C 87 -12.53 3.25 -32.61
N ASP C 88 -12.00 2.46 -31.69
CA ASP C 88 -10.72 1.78 -31.86
C ASP C 88 -10.89 0.36 -32.42
N CYS C 89 -11.99 0.10 -33.12
CA CYS C 89 -12.31 -1.21 -33.70
C CYS C 89 -12.30 -2.31 -32.65
N SER C 90 -12.86 -2.03 -31.48
CA SER C 90 -13.16 -3.07 -30.51
C SER C 90 -14.64 -3.42 -30.51
N SER C 91 -15.44 -2.71 -31.29
CA SER C 91 -16.84 -3.06 -31.45
C SER C 91 -16.98 -4.41 -32.15
N SER C 92 -18.10 -5.07 -31.88
CA SER C 92 -18.43 -6.30 -32.58
C SER C 92 -18.88 -6.04 -34.02
N ASN C 93 -19.15 -4.79 -34.37
CA ASN C 93 -19.63 -4.41 -35.70
C ASN C 93 -18.50 -4.12 -36.67
N CYS C 94 -17.25 -4.26 -36.25
CA CYS C 94 -16.10 -3.98 -37.10
C CYS C 94 -16.00 -5.06 -38.19
N MET C 95 -16.08 -4.63 -39.44
CA MET C 95 -16.11 -5.57 -40.55
C MET C 95 -14.83 -6.41 -40.63
N CYS C 96 -13.69 -5.78 -40.34
CA CYS C 96 -12.42 -6.50 -40.36
C CYS C 96 -12.38 -7.57 -39.28
N GLY C 97 -12.98 -7.31 -38.11
CA GLY C 97 -13.07 -8.34 -37.11
C GLY C 97 -14.02 -9.45 -37.51
N GLN C 98 -15.12 -9.09 -38.18
CA GLN C 98 -16.06 -10.10 -38.65
C GLN C 98 -15.42 -10.99 -39.71
N LEU C 99 -14.61 -10.42 -40.61
CA LEU C 99 -13.88 -11.25 -41.56
C LEU C 99 -12.97 -12.22 -40.84
N SER C 100 -12.51 -11.86 -39.64
CA SER C 100 -11.67 -12.73 -38.82
C SER C 100 -12.46 -13.58 -37.85
N MET C 101 -13.77 -13.70 -38.06
CA MET C 101 -14.74 -14.29 -37.12
C MET C 101 -14.94 -13.33 -35.95
N ARG C 102 -13.84 -12.91 -35.33
CA ARG C 102 -13.82 -11.80 -34.38
C ARG C 102 -12.40 -11.28 -34.31
N CYS C 103 -12.26 -10.06 -33.81
CA CYS C 103 -10.93 -9.55 -33.53
C CYS C 103 -10.35 -10.29 -32.34
N TRP C 104 -9.27 -11.03 -32.55
CA TRP C 104 -8.70 -11.89 -31.52
C TRP C 104 -7.66 -11.19 -30.64
N TYR C 105 -7.41 -9.91 -30.86
CA TYR C 105 -6.39 -9.20 -30.08
C TYR C 105 -7.02 -8.59 -28.85
N ASP C 106 -6.32 -8.71 -27.71
CA ASP C 106 -6.73 -8.04 -26.49
C ASP C 106 -6.17 -6.63 -26.48
N LYS C 107 -6.33 -5.91 -25.36
CA LYS C 107 -5.92 -4.51 -25.34
C LYS C 107 -4.41 -4.35 -25.38
N ASP C 108 -3.66 -5.43 -25.13
CA ASP C 108 -2.20 -5.40 -25.20
C ASP C 108 -1.68 -5.88 -26.54
N GLY C 109 -2.55 -6.28 -27.46
CA GLY C 109 -2.13 -6.79 -28.75
C GLY C 109 -1.81 -8.26 -28.80
N ARG C 110 -2.22 -9.03 -27.79
CA ARG C 110 -1.98 -10.47 -27.75
C ARG C 110 -3.27 -11.24 -27.97
N LEU C 111 -3.13 -12.45 -28.50
CA LEU C 111 -4.28 -13.27 -28.81
C LEU C 111 -5.04 -13.64 -27.54
N LEU C 112 -6.37 -13.69 -27.64
CA LEU C 112 -7.21 -14.09 -26.53
C LEU C 112 -7.03 -15.58 -26.25
N PRO C 113 -7.34 -16.02 -25.03
CA PRO C 113 -7.21 -17.45 -24.73
C PRO C 113 -8.09 -18.32 -25.59
N GLU C 114 -9.26 -17.82 -25.99
CA GLU C 114 -10.21 -18.59 -26.80
C GLU C 114 -9.68 -18.92 -28.19
N PHE C 115 -8.53 -18.35 -28.57
CA PHE C 115 -7.96 -18.57 -29.90
C PHE C 115 -7.62 -20.03 -30.10
N ASN C 116 -8.17 -20.63 -31.15
CA ASN C 116 -7.97 -22.05 -31.42
C ASN C 116 -6.65 -22.24 -32.14
N MET C 117 -5.60 -22.58 -31.40
CA MET C 117 -4.28 -22.74 -32.00
C MET C 117 -4.06 -24.09 -32.66
N ALA C 118 -5.06 -24.98 -32.61
CA ALA C 118 -4.98 -26.26 -33.31
C ALA C 118 -5.31 -26.09 -34.79
N GLU C 119 -6.42 -25.43 -35.11
CA GLU C 119 -6.68 -24.94 -36.46
C GLU C 119 -6.95 -23.45 -36.37
N PRO C 120 -5.92 -22.63 -36.53
CA PRO C 120 -6.10 -21.18 -36.40
C PRO C 120 -6.95 -20.65 -37.55
N PRO C 121 -7.71 -19.59 -37.31
CA PRO C 121 -8.49 -18.97 -38.39
C PRO C 121 -7.67 -17.95 -39.15
N LEU C 122 -8.25 -17.44 -40.23
CA LEU C 122 -7.61 -16.37 -40.97
C LEU C 122 -7.81 -15.07 -40.21
N ILE C 123 -6.75 -14.27 -40.07
CA ILE C 123 -6.81 -12.98 -39.41
C ILE C 123 -6.80 -11.89 -40.47
N PHE C 124 -7.84 -11.06 -40.49
CA PHE C 124 -7.91 -9.88 -41.34
C PHE C 124 -7.74 -8.65 -40.45
N GLU C 125 -6.55 -8.05 -40.47
CA GLU C 125 -6.31 -6.81 -39.76
C GLU C 125 -6.80 -5.63 -40.60
N CYS C 126 -6.92 -4.48 -39.95
CA CYS C 126 -7.40 -3.33 -40.68
C CYS C 126 -6.33 -2.85 -41.65
N ASN C 127 -6.72 -1.97 -42.57
CA ASN C 127 -5.83 -1.55 -43.65
C ASN C 127 -6.00 -0.06 -43.91
N HIS C 128 -5.34 0.43 -44.96
CA HIS C 128 -5.36 1.84 -45.31
C HIS C 128 -6.68 2.28 -45.96
N ALA C 129 -7.59 1.35 -46.24
CA ALA C 129 -8.90 1.75 -46.76
C ALA C 129 -9.94 1.95 -45.66
N CYS C 130 -9.67 1.49 -44.44
CA CYS C 130 -10.61 1.62 -43.35
C CYS C 130 -10.74 3.06 -42.88
N SER C 131 -11.70 3.27 -41.98
CA SER C 131 -11.91 4.56 -41.32
C SER C 131 -11.13 4.68 -40.01
N CYS C 132 -10.62 3.58 -39.48
CA CYS C 132 -10.03 3.62 -38.16
C CYS C 132 -8.66 4.32 -38.21
N TRP C 133 -8.12 4.57 -37.03
CA TRP C 133 -6.81 5.17 -36.91
C TRP C 133 -5.74 4.09 -36.86
N ARG C 134 -4.51 4.49 -37.21
CA ARG C 134 -3.39 3.56 -37.31
C ARG C 134 -3.14 2.79 -36.01
N ASN C 135 -3.69 3.24 -34.88
CA ASN C 135 -3.47 2.58 -33.60
C ASN C 135 -4.69 1.78 -33.13
N CYS C 136 -5.61 1.45 -34.05
CA CYS C 136 -6.79 0.68 -33.67
C CYS C 136 -6.38 -0.70 -33.14
N ARG C 137 -7.34 -1.36 -32.46
CA ARG C 137 -7.04 -2.64 -31.81
C ARG C 137 -6.64 -3.71 -32.82
N ASN C 138 -7.25 -3.70 -34.00
CA ASN C 138 -7.06 -4.76 -34.98
C ASN C 138 -5.81 -4.56 -35.84
N ARG C 139 -4.71 -4.13 -35.23
CA ARG C 139 -3.42 -3.97 -35.93
C ARG C 139 -2.33 -4.44 -34.99
N VAL C 140 -1.68 -5.54 -35.34
CA VAL C 140 -0.54 -6.04 -34.57
C VAL C 140 0.58 -6.45 -35.51
N VAL C 141 0.32 -7.47 -36.35
CA VAL C 141 1.35 -8.02 -37.21
C VAL C 141 1.90 -6.96 -38.15
N GLN C 142 1.05 -6.06 -38.62
CA GLN C 142 1.50 -5.04 -39.56
C GLN C 142 2.49 -4.06 -38.93
N ASN C 143 2.69 -4.13 -37.63
CA ASN C 143 3.66 -3.29 -36.94
C ASN C 143 5.05 -3.90 -36.88
N GLY C 144 5.21 -5.15 -37.31
CA GLY C 144 6.53 -5.75 -37.43
C GLY C 144 7.00 -6.43 -36.16
N LEU C 145 8.22 -6.95 -36.26
CA LEU C 145 8.82 -7.72 -35.18
C LEU C 145 9.18 -6.82 -34.00
N ARG C 146 8.92 -7.32 -32.77
CA ARG C 146 9.19 -6.52 -31.58
C ARG C 146 9.98 -7.26 -30.48
N ALA C 147 9.78 -8.55 -30.28
CA ALA C 147 10.50 -9.30 -29.27
C ALA C 147 11.99 -9.36 -29.58
N ARG C 148 12.81 -9.35 -28.52
CA ARG C 148 14.27 -9.39 -28.64
C ARG C 148 14.70 -10.83 -28.83
N LEU C 149 15.04 -11.18 -30.07
CA LEU C 149 15.50 -12.53 -30.41
C LEU C 149 17.00 -12.54 -30.65
N GLN C 150 17.56 -13.74 -30.77
CA GLN C 150 18.98 -13.91 -31.03
C GLN C 150 19.21 -15.20 -31.80
N LEU C 151 20.06 -15.11 -32.82
CA LEU C 151 20.55 -16.29 -33.53
C LEU C 151 21.70 -16.90 -32.72
N TYR C 152 21.62 -18.20 -32.46
CA TYR C 152 22.67 -18.88 -31.71
C TYR C 152 22.92 -20.25 -32.36
N ARG C 153 24.13 -20.77 -32.14
CA ARG C 153 24.53 -22.07 -32.67
C ARG C 153 24.11 -23.15 -31.69
N THR C 154 23.31 -24.09 -32.18
CA THR C 154 22.76 -25.15 -31.34
C THR C 154 23.76 -26.30 -31.21
N ARG C 155 23.43 -27.22 -30.31
CA ARG C 155 24.28 -28.38 -30.08
C ARG C 155 24.03 -29.47 -31.11
N ASP C 156 22.77 -29.67 -31.52
CA ASP C 156 22.38 -30.73 -32.44
C ASP C 156 21.77 -30.24 -33.75
N MET C 157 21.17 -29.05 -33.76
CA MET C 157 20.35 -28.58 -34.86
C MET C 157 21.07 -27.62 -35.79
N GLY C 158 22.35 -27.32 -35.54
CA GLY C 158 23.04 -26.33 -36.33
C GLY C 158 22.78 -24.93 -35.82
N TRP C 159 22.00 -24.15 -36.54
CA TRP C 159 21.59 -22.83 -36.07
C TRP C 159 20.18 -22.90 -35.52
N GLY C 160 19.89 -22.02 -34.55
CA GLY C 160 18.57 -21.91 -33.97
C GLY C 160 18.32 -20.50 -33.48
N VAL C 161 17.05 -20.19 -33.24
CA VAL C 161 16.62 -18.90 -32.73
C VAL C 161 16.08 -19.12 -31.32
N ARG C 162 16.50 -18.28 -30.39
CA ARG C 162 16.02 -18.34 -29.02
C ARG C 162 15.53 -16.96 -28.64
N SER C 163 14.81 -16.88 -27.52
CA SER C 163 14.30 -15.62 -27.02
C SER C 163 15.19 -15.11 -25.90
N LEU C 164 15.46 -13.80 -25.91
CA LEU C 164 16.19 -13.15 -24.83
C LEU C 164 15.28 -12.55 -23.77
N GLN C 165 13.97 -12.59 -23.99
CA GLN C 165 13.00 -12.01 -23.05
C GLN C 165 11.87 -12.99 -22.88
N ASP C 166 11.13 -12.81 -21.77
CA ASP C 166 9.93 -13.60 -21.55
C ASP C 166 8.84 -13.21 -22.53
N ILE C 167 8.25 -14.21 -23.18
CA ILE C 167 7.20 -14.01 -24.17
C ILE C 167 5.92 -14.67 -23.65
N PRO C 168 4.92 -13.89 -23.26
CA PRO C 168 3.66 -14.47 -22.75
C PRO C 168 2.85 -15.10 -23.86
N PRO C 169 1.92 -15.99 -23.52
CA PRO C 169 1.16 -16.71 -24.54
C PRO C 169 0.38 -15.76 -25.44
N GLY C 170 0.44 -16.01 -26.74
CA GLY C 170 -0.33 -15.26 -27.70
C GLY C 170 0.35 -14.02 -28.27
N THR C 171 1.66 -13.89 -28.10
CA THR C 171 2.36 -12.71 -28.61
C THR C 171 2.85 -12.96 -30.03
N PHE C 172 2.78 -11.93 -30.85
CA PHE C 172 3.37 -12.02 -32.19
C PHE C 172 4.89 -11.93 -32.08
N VAL C 173 5.59 -12.94 -32.60
CA VAL C 173 7.03 -13.04 -32.45
C VAL C 173 7.73 -12.58 -33.72
N CYS C 174 7.49 -13.27 -34.83
CA CYS C 174 8.09 -12.91 -36.11
C CYS C 174 7.23 -13.43 -37.25
N GLU C 175 7.52 -12.94 -38.46
CA GLU C 175 6.86 -13.39 -39.67
C GLU C 175 7.81 -14.27 -40.46
N TYR C 176 7.28 -15.30 -41.12
CA TYR C 176 8.11 -16.12 -41.99
C TYR C 176 8.23 -15.40 -43.32
N VAL C 177 9.34 -14.72 -43.53
CA VAL C 177 9.54 -13.84 -44.68
C VAL C 177 10.54 -14.48 -45.64
N GLY C 178 10.32 -14.30 -46.94
CA GLY C 178 11.22 -14.81 -47.95
C GLY C 178 10.84 -14.42 -49.37
N GLU C 179 11.22 -15.27 -50.34
CA GLU C 179 10.90 -15.05 -51.74
C GLU C 179 9.58 -15.75 -52.06
N LEU C 180 8.67 -15.03 -52.71
CA LEU C 180 7.40 -15.60 -53.14
C LEU C 180 7.57 -16.23 -54.51
N ILE C 181 7.33 -17.53 -54.60
CA ILE C 181 7.45 -18.27 -55.85
C ILE C 181 6.21 -19.13 -56.07
N SER C 182 6.07 -19.60 -57.30
CA SER C 182 4.99 -20.51 -57.66
C SER C 182 5.39 -21.95 -57.34
N ASP C 183 4.39 -22.85 -57.36
CA ASP C 183 4.67 -24.26 -57.16
C ASP C 183 5.45 -24.84 -58.34
N SER C 184 5.20 -24.35 -59.56
CA SER C 184 6.02 -24.72 -60.70
C SER C 184 7.49 -24.39 -60.46
N GLU C 185 7.76 -23.16 -60.03
CA GLU C 185 9.14 -22.72 -59.82
C GLU C 185 9.81 -23.49 -58.70
N ALA C 186 9.05 -23.89 -57.67
CA ALA C 186 9.67 -24.56 -56.54
C ALA C 186 10.11 -25.98 -56.89
N ASP C 187 9.39 -26.65 -57.81
CA ASP C 187 9.79 -27.98 -58.25
C ASP C 187 11.13 -27.98 -58.96
N VAL C 188 11.53 -26.83 -59.52
CA VAL C 188 12.76 -26.71 -60.30
C VAL C 188 13.97 -26.35 -59.44
N ARG C 189 13.81 -26.18 -58.13
CA ARG C 189 14.90 -25.74 -57.27
C ARG C 189 15.47 -26.91 -56.47
N GLU C 190 16.76 -26.82 -56.17
CA GLU C 190 17.44 -27.86 -55.40
C GLU C 190 16.90 -27.93 -53.98
N GLU C 191 17.15 -26.88 -53.21
CA GLU C 191 16.85 -26.88 -51.79
C GLU C 191 15.37 -26.59 -51.58
N ASP C 192 14.67 -27.53 -50.93
CA ASP C 192 13.28 -27.33 -50.54
C ASP C 192 13.12 -27.22 -49.04
N SER C 193 14.21 -27.21 -48.28
CA SER C 193 14.13 -27.19 -46.84
C SER C 193 13.72 -25.84 -46.28
N TYR C 194 13.59 -24.82 -47.14
CA TYR C 194 13.22 -23.48 -46.71
C TYR C 194 11.88 -23.03 -47.29
N LEU C 195 11.08 -23.96 -47.78
CA LEU C 195 9.78 -23.64 -48.36
C LEU C 195 8.71 -23.58 -47.29
N PHE C 196 7.76 -22.68 -47.48
CA PHE C 196 6.54 -22.64 -46.68
C PHE C 196 5.33 -22.62 -47.60
N ASP C 197 4.30 -23.38 -47.25
CA ASP C 197 3.15 -23.58 -48.13
C ASP C 197 2.03 -22.60 -47.81
N LEU C 198 1.57 -21.89 -48.83
CA LEU C 198 0.40 -21.01 -48.73
C LEU C 198 -0.74 -21.61 -49.55
N ASP C 199 -1.26 -22.76 -49.10
CA ASP C 199 -2.28 -23.48 -49.85
C ASP C 199 -3.62 -22.76 -49.81
N LYS C 201 -5.24 -27.49 -52.03
CA LYS C 201 -4.60 -26.71 -53.07
C LYS C 201 -5.64 -25.96 -53.90
N ASP C 202 -6.11 -24.82 -53.37
CA ASP C 202 -7.12 -24.00 -54.03
C ASP C 202 -6.67 -23.54 -55.41
N GLY C 203 -6.74 -24.43 -56.40
CA GLY C 203 -6.29 -24.12 -57.74
C GLY C 203 -4.78 -23.95 -57.86
N GLU C 204 -4.35 -22.73 -58.15
CA GLU C 204 -2.93 -22.40 -58.20
C GLU C 204 -2.43 -22.08 -56.78
N VAL C 205 -1.31 -22.68 -56.41
CA VAL C 205 -0.75 -22.49 -55.06
C VAL C 205 0.62 -21.85 -55.17
N TYR C 206 1.06 -21.27 -54.06
CA TYR C 206 2.31 -20.52 -54.00
C TYR C 206 3.03 -20.85 -52.71
N CYS C 207 4.32 -20.51 -52.66
CA CYS C 207 5.16 -20.81 -51.51
C CYS C 207 6.00 -19.60 -51.15
N ILE C 208 6.66 -19.71 -50.00
CA ILE C 208 7.70 -18.77 -49.58
C ILE C 208 9.00 -19.55 -49.47
N ASP C 209 9.99 -19.19 -50.30
CA ASP C 209 11.31 -19.79 -50.25
C ASP C 209 12.22 -18.83 -49.53
N ALA C 210 12.67 -19.22 -48.34
CA ALA C 210 13.59 -18.44 -47.53
C ALA C 210 15.03 -18.87 -47.70
N ARG C 211 15.33 -19.57 -48.80
CA ARG C 211 16.70 -20.06 -48.99
C ARG C 211 17.63 -18.93 -49.38
N PHE C 212 17.28 -18.15 -50.41
CA PHE C 212 18.13 -17.09 -50.90
C PHE C 212 17.83 -15.75 -50.23
N TYR C 213 16.56 -15.48 -49.96
CA TYR C 213 16.14 -14.28 -49.24
C TYR C 213 15.23 -14.71 -48.10
N GLY C 214 15.51 -14.20 -46.90
CA GLY C 214 14.72 -14.54 -45.73
C GLY C 214 15.10 -13.65 -44.57
N ASN C 215 14.41 -13.87 -43.46
CA ASN C 215 14.70 -13.15 -42.22
C ASN C 215 15.05 -14.16 -41.14
N VAL C 216 14.91 -13.75 -39.87
CA VAL C 216 15.32 -14.61 -38.77
C VAL C 216 14.51 -15.89 -38.73
N SER C 217 13.31 -15.90 -39.30
CA SER C 217 12.47 -17.09 -39.19
C SER C 217 13.06 -18.29 -39.93
N ARG C 218 13.98 -18.07 -40.87
CA ARG C 218 14.52 -19.18 -41.63
C ARG C 218 15.41 -20.09 -40.79
N PHE C 219 15.81 -19.63 -39.60
CA PHE C 219 16.67 -20.40 -38.73
C PHE C 219 15.91 -21.10 -37.61
N ILE C 220 14.60 -20.89 -37.51
CA ILE C 220 13.82 -21.55 -36.46
C ILE C 220 13.76 -23.05 -36.73
N ASN C 221 14.05 -23.85 -35.71
CA ASN C 221 14.11 -25.30 -35.86
C ASN C 221 12.74 -25.94 -35.60
N HIS C 222 12.62 -27.20 -36.05
CA HIS C 222 11.41 -27.96 -35.79
C HIS C 222 11.33 -28.38 -34.32
N HIS C 223 10.11 -28.58 -33.84
CA HIS C 223 9.91 -29.07 -32.49
C HIS C 223 8.57 -29.79 -32.45
N CYS C 224 8.58 -31.02 -31.92
CA CYS C 224 7.35 -31.81 -31.87
C CYS C 224 6.36 -31.27 -30.85
N GLU C 225 6.84 -30.56 -29.82
CA GLU C 225 6.00 -29.84 -28.86
C GLU C 225 6.31 -28.35 -28.99
N PRO C 226 5.70 -27.68 -29.96
CA PRO C 226 6.15 -26.33 -30.31
C PRO C 226 5.64 -25.27 -29.36
N ASN C 227 6.38 -24.16 -29.34
CA ASN C 227 5.94 -22.95 -28.64
C ASN C 227 5.49 -21.87 -29.60
N LEU C 228 5.51 -22.15 -30.91
CA LEU C 228 4.98 -21.25 -31.92
C LEU C 228 4.04 -22.00 -32.84
N VAL C 229 3.07 -21.29 -33.38
CA VAL C 229 2.20 -21.83 -34.42
C VAL C 229 2.04 -20.76 -35.49
N PRO C 230 2.06 -21.12 -36.78
CA PRO C 230 1.84 -20.12 -37.82
C PRO C 230 0.37 -19.78 -37.99
N VAL C 231 0.12 -18.50 -38.23
CA VAL C 231 -1.23 -17.99 -38.48
C VAL C 231 -1.20 -17.23 -39.79
N ARG C 232 -2.21 -17.45 -40.63
CA ARG C 232 -2.30 -16.77 -41.91
C ARG C 232 -2.98 -15.41 -41.72
N VAL C 233 -2.30 -14.33 -42.12
CA VAL C 233 -2.75 -12.97 -41.84
C VAL C 233 -2.82 -12.15 -43.13
N PHE C 234 -3.77 -11.21 -43.19
CA PHE C 234 -3.95 -10.31 -44.32
C PHE C 234 -3.99 -8.87 -43.83
N MET C 235 -3.32 -7.98 -44.56
CA MET C 235 -3.13 -6.60 -44.13
C MET C 235 -3.27 -5.61 -45.28
N ALA C 236 -2.16 -5.27 -45.95
CA ALA C 236 -2.19 -4.27 -47.01
C ALA C 236 -2.96 -4.74 -48.24
N HIS C 237 -3.01 -6.06 -48.47
CA HIS C 237 -3.80 -6.62 -49.55
C HIS C 237 -4.63 -7.78 -49.02
N GLN C 238 -5.68 -8.14 -49.77
CA GLN C 238 -6.52 -9.26 -49.42
C GLN C 238 -6.60 -10.29 -50.54
N ASP C 239 -5.53 -10.38 -51.33
CA ASP C 239 -5.35 -11.45 -52.31
C ASP C 239 -5.19 -12.78 -51.58
N LEU C 240 -6.23 -13.61 -51.59
CA LEU C 240 -6.24 -14.82 -50.76
C LEU C 240 -5.25 -15.88 -51.22
N ARG C 241 -4.60 -15.73 -52.38
CA ARG C 241 -3.58 -16.67 -52.79
C ARG C 241 -2.28 -16.50 -52.02
N PHE C 242 -2.04 -15.31 -51.47
CA PHE C 242 -0.80 -14.96 -50.78
C PHE C 242 -1.11 -14.47 -49.38
N PRO C 243 -1.41 -15.37 -48.45
CA PRO C 243 -1.40 -14.97 -47.04
C PRO C 243 0.02 -14.75 -46.56
N ARG C 244 0.13 -14.09 -45.42
CA ARG C 244 1.42 -13.88 -44.76
C ARG C 244 1.46 -14.69 -43.47
N ILE C 245 2.63 -15.24 -43.16
CA ILE C 245 2.79 -16.26 -42.13
C ILE C 245 3.32 -15.59 -40.86
N ALA C 246 2.47 -15.51 -39.84
CA ALA C 246 2.82 -14.88 -38.57
C ALA C 246 2.91 -15.94 -37.48
N PHE C 247 4.03 -15.96 -36.75
CA PHE C 247 4.26 -16.90 -35.65
C PHE C 247 3.79 -16.28 -34.34
N PHE C 248 2.96 -17.01 -33.60
CA PHE C 248 2.48 -16.58 -32.30
C PHE C 248 2.89 -17.63 -31.25
N SER C 249 3.15 -17.15 -30.04
CA SER C 249 3.52 -18.05 -28.95
C SER C 249 2.29 -18.83 -28.48
N THR C 250 2.44 -20.15 -28.38
CA THR C 250 1.36 -20.98 -27.88
C THR C 250 1.32 -21.03 -26.36
N ARG C 251 2.42 -20.64 -25.70
CA ARG C 251 2.50 -20.66 -24.25
C ARG C 251 3.48 -19.59 -23.81
N LEU C 252 3.78 -19.54 -22.51
CA LEU C 252 4.82 -18.66 -22.02
C LEU C 252 6.19 -19.20 -22.43
N ILE C 253 6.97 -18.36 -23.10
CA ILE C 253 8.34 -18.69 -23.46
C ILE C 253 9.26 -17.89 -22.54
N GLU C 254 10.06 -18.60 -21.75
CA GLU C 254 10.94 -17.95 -20.80
C GLU C 254 12.24 -17.52 -21.47
N ALA C 255 12.82 -16.45 -20.94
CA ALA C 255 14.09 -15.95 -21.45
C ALA C 255 15.12 -17.09 -21.55
N GLY C 256 15.71 -17.23 -22.73
CA GLY C 256 16.67 -18.27 -23.00
C GLY C 256 16.13 -19.48 -23.72
N GLU C 257 14.81 -19.64 -23.79
CA GLU C 257 14.23 -20.79 -24.46
C GLU C 257 14.39 -20.70 -25.97
N GLN C 258 14.58 -21.85 -26.61
CA GLN C 258 14.64 -21.91 -28.06
C GLN C 258 13.24 -21.85 -28.67
N LEU C 259 13.11 -21.17 -29.80
CA LEU C 259 11.86 -21.15 -30.54
C LEU C 259 11.76 -22.39 -31.41
N GLY C 260 10.52 -22.72 -31.79
CA GLY C 260 10.27 -23.86 -32.65
C GLY C 260 8.82 -24.00 -33.05
N PHE C 261 8.56 -24.63 -34.19
CA PHE C 261 7.21 -24.88 -34.66
C PHE C 261 7.16 -26.22 -35.39
N ASP C 262 5.96 -26.74 -35.53
CA ASP C 262 5.78 -27.99 -36.26
C ASP C 262 5.96 -27.74 -37.74
N TYR C 263 6.99 -28.35 -38.33
CA TYR C 263 7.23 -28.22 -39.76
C TYR C 263 6.15 -28.85 -40.61
N GLY C 264 5.20 -29.54 -40.00
CA GLY C 264 4.20 -30.28 -40.74
C GLY C 264 4.72 -31.64 -41.15
N GLU C 265 3.84 -32.44 -41.74
CA GLU C 265 4.20 -33.78 -42.15
C GLU C 265 4.65 -33.86 -43.60
N ARG C 266 4.34 -32.85 -44.42
CA ARG C 266 4.94 -32.81 -45.75
C ARG C 266 6.47 -32.78 -45.67
N PHE C 267 7.00 -32.12 -44.64
CA PHE C 267 8.44 -32.10 -44.43
C PHE C 267 8.96 -33.50 -44.13
N TRP C 268 8.45 -34.13 -43.06
CA TRP C 268 9.00 -35.40 -42.62
C TRP C 268 8.69 -36.55 -43.57
N ASP C 269 7.62 -36.45 -44.37
CA ASP C 269 7.37 -37.45 -45.39
C ASP C 269 8.45 -37.46 -46.46
N ILE C 270 9.27 -36.41 -46.52
CA ILE C 270 10.36 -36.28 -47.49
C ILE C 270 11.72 -36.37 -46.82
N LYS C 271 11.91 -35.66 -45.72
CA LYS C 271 13.20 -35.57 -45.05
C LYS C 271 13.33 -36.53 -43.88
N GLY C 272 12.32 -37.35 -43.61
CA GLY C 272 12.47 -38.41 -42.63
C GLY C 272 13.31 -39.57 -43.12
N LYS C 273 13.37 -39.77 -44.43
CA LYS C 273 14.16 -40.82 -45.04
C LYS C 273 15.66 -40.51 -45.03
N LEU C 274 16.04 -39.33 -44.57
CA LEU C 274 17.42 -38.87 -44.56
C LEU C 274 18.00 -38.74 -43.17
N PHE C 275 17.18 -38.30 -42.20
CA PHE C 275 17.62 -38.12 -40.83
C PHE C 275 16.39 -38.10 -39.94
N SER C 276 16.62 -38.27 -38.65
CA SER C 276 15.55 -38.27 -37.67
C SER C 276 15.52 -36.95 -36.92
N CYS C 277 14.36 -36.65 -36.34
CA CYS C 277 14.19 -35.46 -35.53
C CYS C 277 14.85 -35.62 -34.17
N ARG C 278 15.45 -34.54 -33.69
CA ARG C 278 16.16 -34.54 -32.41
C ARG C 278 15.71 -33.36 -31.56
N CYS C 279 14.40 -33.12 -31.50
CA CYS C 279 13.88 -32.03 -30.67
C CYS C 279 14.20 -32.22 -29.19
N GLY C 280 14.48 -33.45 -28.77
CA GLY C 280 14.87 -33.69 -27.39
C GLY C 280 13.76 -33.58 -26.39
N SER C 281 12.52 -33.80 -26.81
CA SER C 281 11.38 -33.72 -25.91
C SER C 281 10.65 -35.05 -25.86
N PRO C 282 10.06 -35.39 -24.71
CA PRO C 282 9.55 -36.76 -24.52
C PRO C 282 8.49 -37.18 -25.52
N LYS C 283 7.82 -36.25 -26.20
CA LYS C 283 6.72 -36.60 -27.09
C LYS C 283 7.10 -36.55 -28.56
N CYS C 284 8.40 -36.66 -28.88
CA CYS C 284 8.86 -36.52 -30.26
C CYS C 284 8.26 -37.61 -31.14
N ARG C 285 7.68 -37.21 -32.28
CA ARG C 285 6.93 -38.11 -33.13
C ARG C 285 7.66 -38.48 -34.42
N HIS C 286 8.90 -38.05 -34.59
CA HIS C 286 9.63 -38.33 -35.82
C HIS C 286 11.06 -38.82 -35.59
N SER C 287 11.41 -39.17 -34.35
CA SER C 287 12.76 -39.63 -34.04
C SER C 287 13.03 -41.00 -34.67
N PRO D 26 -28.07 16.42 37.45
CA PRO D 26 -28.80 16.92 36.27
C PRO D 26 -28.53 16.10 35.00
N VAL D 27 -27.77 15.00 35.14
CA VAL D 27 -27.20 14.17 34.09
C VAL D 27 -26.39 14.98 33.08
N GLU D 28 -25.29 14.39 32.61
CA GLU D 28 -24.35 14.98 31.66
C GLU D 28 -24.84 14.64 30.26
N ARG D 29 -25.39 15.63 29.55
CA ARG D 29 -25.80 15.41 28.17
C ARG D 29 -24.62 15.66 27.22
N ILE D 30 -24.51 14.81 26.21
CA ILE D 30 -23.47 14.93 25.19
C ILE D 30 -23.97 15.90 24.12
N VAL D 31 -23.53 17.15 24.20
CA VAL D 31 -23.94 18.16 23.22
C VAL D 31 -23.10 18.10 21.94
N SER D 32 -21.93 17.44 21.97
CA SER D 32 -21.13 17.21 20.77
C SER D 32 -20.37 15.91 20.89
N ARG D 33 -20.40 15.11 19.83
CA ARG D 33 -19.67 13.85 19.85
C ARG D 33 -18.19 14.03 19.56
N ASP D 34 -17.84 15.11 18.86
CA ASP D 34 -16.45 15.43 18.54
C ASP D 34 -16.38 16.84 17.97
N ILE D 35 -15.84 17.79 18.74
CA ILE D 35 -15.72 19.16 18.26
C ILE D 35 -14.71 19.29 17.14
N ALA D 36 -13.88 18.27 16.92
CA ALA D 36 -12.86 18.29 15.89
C ALA D 36 -13.33 17.67 14.57
N ARG D 37 -14.54 17.12 14.55
CA ARG D 37 -15.07 16.45 13.36
C ARG D 37 -14.08 15.43 12.80
N GLY D 38 -13.44 14.68 13.70
CA GLY D 38 -12.59 13.59 13.28
C GLY D 38 -11.21 13.98 12.81
N TYR D 39 -10.79 15.22 13.02
CA TYR D 39 -9.48 15.70 12.57
C TYR D 39 -8.35 15.36 13.54
N GLU D 40 -8.65 14.80 14.71
CA GLU D 40 -7.65 14.32 15.65
C GLU D 40 -7.68 12.79 15.66
N ARG D 41 -6.71 12.19 16.33
CA ARG D 41 -6.68 10.72 16.39
C ARG D 41 -7.62 10.16 17.45
N ILE D 42 -8.15 10.99 18.33
CA ILE D 42 -9.19 10.58 19.26
C ILE D 42 -10.29 11.64 19.17
N PRO D 43 -11.54 11.30 19.46
CA PRO D 43 -12.58 12.33 19.48
C PRO D 43 -12.48 13.20 20.72
N ILE D 44 -12.87 14.46 20.56
CA ILE D 44 -12.97 15.39 21.70
C ILE D 44 -14.43 15.75 21.92
N PRO D 45 -15.16 14.99 22.72
CA PRO D 45 -16.58 15.27 22.91
C PRO D 45 -16.81 16.49 23.79
N CYS D 46 -18.01 17.07 23.65
CA CYS D 46 -18.44 18.20 24.47
C CYS D 46 -19.67 17.78 25.28
N VAL D 47 -19.65 18.11 26.57
CA VAL D 47 -20.70 17.70 27.50
C VAL D 47 -21.05 18.88 28.40
N ASN D 48 -22.31 18.91 28.84
CA ASN D 48 -22.82 20.00 29.69
C ASN D 48 -23.75 19.39 30.74
N ALA D 49 -23.42 19.61 32.01
CA ALA D 49 -24.30 19.26 33.12
C ALA D 49 -24.54 20.46 34.02
N VAL D 50 -24.56 21.66 33.45
CA VAL D 50 -24.70 22.85 34.27
C VAL D 50 -25.89 23.64 33.76
N ASP D 51 -25.76 24.22 32.56
CA ASP D 51 -26.70 25.24 32.11
C ASP D 51 -27.29 24.90 30.75
N SER D 52 -27.60 25.94 29.97
CA SER D 52 -28.34 25.81 28.73
C SER D 52 -27.51 26.18 27.50
N GLU D 53 -26.19 26.20 27.63
CA GLU D 53 -25.50 26.68 26.44
C GLU D 53 -25.24 25.52 25.47
N PRO D 54 -25.41 25.76 24.17
CA PRO D 54 -25.03 24.74 23.18
C PRO D 54 -23.52 24.65 23.02
N CYS D 55 -23.07 23.70 22.22
CA CYS D 55 -21.65 23.56 21.94
C CYS D 55 -21.13 24.80 21.21
N PRO D 56 -19.99 25.35 21.61
CA PRO D 56 -19.56 26.65 21.04
C PRO D 56 -19.30 26.54 19.55
N SER D 57 -19.71 27.58 18.80
CA SER D 57 -19.63 27.53 17.35
C SER D 57 -19.31 28.88 16.73
N ASN D 58 -18.83 29.85 17.51
CA ASN D 58 -18.40 31.14 16.98
C ASN D 58 -16.96 31.10 16.48
N TYR D 59 -16.47 29.92 16.10
CA TYR D 59 -15.08 29.73 15.68
C TYR D 59 -15.01 28.53 14.75
N LYS D 60 -13.90 28.43 14.02
CA LYS D 60 -13.62 27.30 13.15
C LYS D 60 -12.53 26.45 13.79
N TYR D 61 -12.85 25.18 14.07
CA TYR D 61 -11.85 24.26 14.60
C TYR D 61 -10.85 23.86 13.52
N VAL D 62 -9.56 24.03 13.82
CA VAL D 62 -8.47 23.58 12.97
C VAL D 62 -7.44 22.87 13.85
N SER D 63 -6.87 21.79 13.32
CA SER D 63 -5.93 20.98 14.10
C SER D 63 -4.49 21.42 13.95
N GLN D 64 -4.19 22.27 12.97
CA GLN D 64 -2.84 22.79 12.78
C GLN D 64 -2.93 24.28 12.51
N ASN D 65 -1.82 24.97 12.78
CA ASN D 65 -1.77 26.41 12.63
C ASN D 65 -2.14 26.82 11.21
N CYS D 66 -2.77 27.98 11.09
CA CYS D 66 -3.19 28.50 9.81
C CYS D 66 -2.85 29.99 9.74
N VAL D 67 -3.00 30.57 8.56
CA VAL D 67 -2.75 31.99 8.34
C VAL D 67 -3.84 32.59 7.47
N THR D 68 -4.01 33.90 7.58
CA THR D 68 -4.83 34.65 6.64
C THR D 68 -3.94 35.44 5.71
N SER D 69 -3.46 36.60 6.16
CA SER D 69 -2.43 37.29 5.42
C SER D 69 -1.12 36.49 5.45
N PRO D 70 -0.33 36.53 4.38
CA PRO D 70 0.81 35.62 4.27
C PRO D 70 1.89 35.86 5.31
N MET D 71 2.65 34.80 5.60
CA MET D 71 3.83 34.85 6.45
C MET D 71 4.97 34.14 5.73
N ASN D 72 6.13 34.78 5.67
CA ASN D 72 7.25 34.25 4.91
C ASN D 72 8.00 33.17 5.68
N ILE D 73 7.29 32.18 6.22
CA ILE D 73 7.94 31.14 7.00
C ILE D 73 9.00 30.45 6.14
N ASP D 74 10.24 30.41 6.63
CA ASP D 74 11.34 29.80 5.88
C ASP D 74 11.13 28.30 5.82
N ARG D 75 10.62 27.81 4.68
CA ARG D 75 10.39 26.39 4.48
C ARG D 75 11.42 25.77 3.53
N ASN D 76 12.57 26.43 3.37
CA ASN D 76 13.68 25.86 2.61
C ASN D 76 14.20 24.62 3.33
N ILE D 77 14.14 23.48 2.65
CA ILE D 77 14.58 22.24 3.27
C ILE D 77 16.08 22.25 3.53
N THR D 78 16.85 22.99 2.73
CA THR D 78 18.30 23.02 2.92
C THR D 78 18.72 23.90 4.09
N HIS D 79 17.83 24.75 4.60
CA HIS D 79 18.12 25.57 5.78
C HIS D 79 17.86 24.82 7.08
N LEU D 80 17.40 23.58 7.03
CA LEU D 80 17.15 22.80 8.23
C LEU D 80 18.44 22.20 8.77
N GLN D 81 18.62 22.29 10.08
CA GLN D 81 19.64 21.52 10.77
C GLN D 81 19.10 20.13 11.08
N TYR D 82 19.90 19.10 10.81
CA TYR D 82 19.43 17.73 10.90
C TYR D 82 20.48 16.83 11.52
N CYS D 83 20.02 15.71 12.10
CA CYS D 83 20.92 14.67 12.60
C CYS D 83 21.20 13.63 11.51
N VAL D 84 22.25 12.84 11.73
CA VAL D 84 22.68 11.84 10.76
C VAL D 84 22.80 10.48 11.46
N CYS D 85 22.05 10.31 12.54
CA CYS D 85 22.16 9.11 13.37
C CYS D 85 21.74 7.85 12.63
N ILE D 86 22.31 6.74 13.06
CA ILE D 86 21.97 5.41 12.56
C ILE D 86 21.23 4.57 13.60
N ASP D 87 20.96 5.13 14.78
CA ASP D 87 20.27 4.45 15.85
C ASP D 87 18.84 5.00 15.97
N ASP D 88 18.29 5.03 17.18
CA ASP D 88 16.97 5.60 17.46
C ASP D 88 17.05 7.03 17.98
N CYS D 89 18.18 7.72 17.75
CA CYS D 89 18.39 9.09 18.20
C CYS D 89 18.32 9.20 19.73
N SER D 90 18.78 8.16 20.41
CA SER D 90 19.00 8.21 21.84
C SER D 90 20.46 8.48 22.19
N SER D 91 21.33 8.55 21.19
CA SER D 91 22.72 8.90 21.42
C SER D 91 22.85 10.36 21.83
N SER D 92 23.96 10.68 22.48
CA SER D 92 24.31 12.07 22.74
C SER D 92 24.83 12.78 21.51
N ASN D 93 25.18 12.03 20.45
CA ASN D 93 25.73 12.60 19.22
C ASN D 93 24.66 13.15 18.28
N CYS D 94 23.37 12.91 18.55
CA CYS D 94 22.30 13.38 17.69
C CYS D 94 22.26 14.91 17.69
N MET D 95 22.44 15.51 16.51
CA MET D 95 22.48 16.97 16.43
C MET D 95 21.19 17.60 16.94
N CYS D 96 20.04 16.97 16.64
CA CYS D 96 18.77 17.55 17.06
C CYS D 96 18.64 17.57 18.58
N GLY D 97 19.15 16.54 19.24
CA GLY D 97 19.18 16.56 20.69
C GLY D 97 20.07 17.67 21.21
N GLN D 98 21.23 17.88 20.58
CA GLN D 98 22.14 18.92 21.05
C GLN D 98 21.53 20.30 20.88
N LEU D 99 20.80 20.54 19.79
CA LEU D 99 20.09 21.81 19.66
C LEU D 99 19.10 22.01 20.80
N SER D 100 18.60 20.90 21.35
CA SER D 100 17.72 20.90 22.49
C SER D 100 18.49 20.81 23.81
N MET D 101 19.78 21.14 23.79
CA MET D 101 20.70 20.89 24.90
C MET D 101 20.89 19.39 25.09
N ARG D 102 19.78 18.66 25.27
CA ARG D 102 19.76 17.21 25.17
C ARG D 102 18.36 16.80 24.77
N CYS D 103 18.21 15.57 24.28
CA CYS D 103 16.87 15.05 24.02
C CYS D 103 16.17 14.77 25.35
N TRP D 104 15.07 15.49 25.59
CA TRP D 104 14.42 15.43 26.89
C TRP D 104 13.38 14.33 26.98
N TYR D 105 13.18 13.55 25.93
CA TYR D 105 12.15 12.51 25.91
C TYR D 105 12.74 11.17 26.33
N ASP D 106 11.98 10.43 27.14
CA ASP D 106 12.36 9.06 27.44
C ASP D 106 11.71 8.14 26.40
N LYS D 107 11.84 6.82 26.59
CA LYS D 107 11.33 5.88 25.59
C LYS D 107 9.82 5.95 25.47
N ASP D 108 9.12 6.43 26.49
CA ASP D 108 7.66 6.50 26.47
C ASP D 108 7.14 7.85 25.98
N GLY D 109 8.02 8.77 25.56
CA GLY D 109 7.61 10.06 25.08
C GLY D 109 7.40 11.11 26.13
N ARG D 110 7.81 10.86 27.37
CA ARG D 110 7.61 11.79 28.46
C ARG D 110 8.91 12.52 28.80
N LEU D 111 8.77 13.74 29.32
CA LEU D 111 9.94 14.53 29.68
C LEU D 111 10.65 13.90 30.89
N LEU D 112 11.98 13.87 30.82
CA LEU D 112 12.78 13.40 31.94
C LEU D 112 12.59 14.31 33.15
N PRO D 113 12.84 13.79 34.36
CA PRO D 113 12.66 14.63 35.57
C PRO D 113 13.55 15.86 35.60
N GLU D 114 14.72 15.83 34.95
CA GLU D 114 15.63 16.96 34.94
C GLU D 114 15.09 18.17 34.18
N PHE D 115 14.02 17.99 33.41
CA PHE D 115 13.45 19.08 32.62
C PHE D 115 12.93 20.18 33.53
N ASN D 116 13.50 21.38 33.39
CA ASN D 116 13.13 22.50 34.25
C ASN D 116 11.92 23.20 33.64
N MET D 117 10.76 22.95 34.23
CA MET D 117 9.52 23.52 33.71
C MET D 117 9.30 24.96 34.14
N ALA D 118 10.21 25.51 34.93
CA ALA D 118 10.12 26.94 35.24
C ALA D 118 10.65 27.77 34.09
N GLU D 119 11.81 27.38 33.56
CA GLU D 119 12.43 27.99 32.39
C GLU D 119 12.68 26.89 31.37
N PRO D 120 11.68 26.55 30.56
CA PRO D 120 11.84 25.45 29.62
C PRO D 120 12.77 25.83 28.49
N PRO D 121 13.55 24.90 27.97
CA PRO D 121 14.38 25.16 26.80
C PRO D 121 13.59 24.97 25.52
N LEU D 122 14.15 25.49 24.43
CA LEU D 122 13.59 25.20 23.11
C LEU D 122 13.82 23.73 22.79
N ILE D 123 12.80 23.06 22.27
CA ILE D 123 12.91 21.66 21.89
C ILE D 123 12.96 21.59 20.36
N PHE D 124 14.01 20.94 19.84
CA PHE D 124 14.16 20.69 18.40
C PHE D 124 13.94 19.21 18.15
N GLU D 125 12.77 18.86 17.64
CA GLU D 125 12.55 17.47 17.28
C GLU D 125 13.15 17.18 15.90
N CYS D 126 13.31 15.89 15.61
CA CYS D 126 13.82 15.50 14.30
C CYS D 126 12.81 15.89 13.20
N ASN D 127 13.29 15.87 11.97
CA ASN D 127 12.51 16.37 10.85
C ASN D 127 12.75 15.47 9.65
N HIS D 128 12.18 15.89 8.51
CA HIS D 128 12.27 15.11 7.29
C HIS D 128 13.64 15.20 6.62
N ALA D 129 14.55 16.02 7.13
CA ALA D 129 15.90 16.08 6.58
C ALA D 129 16.87 15.17 7.31
N CYS D 130 16.49 14.65 8.48
CA CYS D 130 17.38 13.77 9.24
C CYS D 130 17.45 12.41 8.58
N SER D 131 18.45 11.63 9.00
CA SER D 131 18.64 10.26 8.53
C SER D 131 17.89 9.25 9.36
N CYS D 132 17.37 9.65 10.50
CA CYS D 132 16.71 8.70 11.38
C CYS D 132 15.35 8.30 10.80
N TRP D 133 14.76 7.30 11.43
CA TRP D 133 13.44 6.81 11.07
C TRP D 133 12.35 7.63 11.75
N ARG D 134 11.14 7.52 11.19
CA ARG D 134 9.99 8.25 11.71
C ARG D 134 9.64 7.86 13.14
N ASN D 135 10.18 6.76 13.67
CA ASN D 135 9.89 6.31 15.02
C ASN D 135 11.05 6.54 15.97
N CYS D 136 11.97 7.44 15.61
CA CYS D 136 13.08 7.73 16.50
C CYS D 136 12.58 8.36 17.79
N ARG D 137 13.46 8.36 18.81
CA ARG D 137 13.07 8.84 20.13
C ARG D 137 12.64 10.30 20.09
N ASN D 138 13.33 11.13 19.29
CA ASN D 138 13.16 12.58 19.30
C ASN D 138 11.96 13.03 18.50
N ARG D 139 10.84 12.33 18.62
CA ARG D 139 9.61 12.71 17.93
C ARG D 139 8.45 12.49 18.89
N VAL D 140 7.78 13.56 19.29
CA VAL D 140 6.64 13.44 20.20
C VAL D 140 5.53 14.38 19.76
N VAL D 141 5.82 15.69 19.73
CA VAL D 141 4.78 16.65 19.39
C VAL D 141 4.32 16.47 17.95
N GLN D 142 5.22 16.09 17.06
CA GLN D 142 4.87 15.87 15.66
C GLN D 142 3.97 14.66 15.47
N ASN D 143 3.66 13.91 16.51
CA ASN D 143 2.75 12.79 16.43
C ASN D 143 1.31 13.15 16.74
N GLY D 144 1.03 14.42 17.07
CA GLY D 144 -0.33 14.84 17.31
C GLY D 144 -0.81 14.63 18.72
N LEU D 145 -2.05 15.07 18.95
CA LEU D 145 -2.70 14.94 20.24
C LEU D 145 -3.11 13.50 20.49
N ARG D 146 -2.82 12.98 21.68
CA ARG D 146 -3.18 11.58 21.94
C ARG D 146 -4.00 11.35 23.19
N ALA D 147 -3.91 12.18 24.24
CA ALA D 147 -4.72 11.99 25.43
C ALA D 147 -6.21 12.12 25.11
N ARG D 148 -7.03 11.33 25.81
CA ARG D 148 -8.48 11.43 25.69
C ARG D 148 -8.95 12.63 26.52
N LEU D 149 -9.28 13.73 25.87
CA LEU D 149 -9.74 14.94 26.53
C LEU D 149 -11.22 15.16 26.25
N GLN D 150 -11.80 16.14 26.96
CA GLN D 150 -13.23 16.41 26.92
C GLN D 150 -13.49 17.88 27.22
N LEU D 151 -14.24 18.54 26.33
CA LEU D 151 -14.70 19.89 26.58
C LEU D 151 -15.97 19.82 27.43
N TYR D 152 -15.98 20.54 28.55
CA TYR D 152 -17.12 20.47 29.46
C TYR D 152 -17.42 21.86 30.02
N ARG D 153 -18.65 22.02 30.51
CA ARG D 153 -19.10 23.27 31.08
C ARG D 153 -18.97 23.23 32.59
N THR D 154 -18.35 24.27 33.15
CA THR D 154 -18.28 24.50 34.59
C THR D 154 -19.30 25.56 35.01
N ARG D 155 -19.67 25.53 36.29
CA ARG D 155 -20.44 26.62 36.88
C ARG D 155 -19.58 27.85 37.12
N ASP D 156 -18.27 27.69 37.00
CA ASP D 156 -17.29 28.67 37.44
C ASP D 156 -16.92 29.61 36.30
N MET D 157 -15.98 29.18 35.45
CA MET D 157 -15.36 30.02 34.45
C MET D 157 -15.87 29.72 33.04
N GLY D 158 -17.04 29.12 32.94
CA GLY D 158 -17.64 28.84 31.64
C GLY D 158 -17.24 27.46 31.11
N TRP D 159 -16.43 27.45 30.07
CA TRP D 159 -15.97 26.21 29.46
C TRP D 159 -14.59 25.85 29.96
N GLY D 160 -14.34 24.54 30.07
CA GLY D 160 -13.04 24.03 30.43
C GLY D 160 -12.79 22.72 29.73
N VAL D 161 -11.55 22.23 29.82
CA VAL D 161 -11.14 20.97 29.22
C VAL D 161 -10.63 20.06 30.33
N ARG D 162 -11.06 18.80 30.30
CA ARG D 162 -10.70 17.81 31.30
C ARG D 162 -10.14 16.58 30.62
N SER D 163 -9.44 15.76 31.39
CA SER D 163 -8.94 14.49 30.88
C SER D 163 -9.79 13.36 31.41
N LEU D 164 -9.96 12.32 30.59
CA LEU D 164 -10.83 11.21 30.94
C LEU D 164 -10.08 10.02 31.52
N GLN D 165 -8.78 9.92 31.29
CA GLN D 165 -7.97 8.93 32.00
C GLN D 165 -6.68 9.59 32.47
N ASP D 166 -5.94 8.86 33.29
CA ASP D 166 -4.79 9.43 33.98
C ASP D 166 -3.69 9.77 32.98
N ILE D 167 -3.04 10.92 33.20
CA ILE D 167 -1.93 11.39 32.39
C ILE D 167 -0.67 11.41 33.25
N PRO D 168 0.35 10.60 32.94
CA PRO D 168 1.59 10.60 33.75
C PRO D 168 2.32 11.92 33.65
N PRO D 169 3.19 12.23 34.62
CA PRO D 169 3.95 13.49 34.54
C PRO D 169 4.87 13.53 33.32
N GLY D 170 4.92 14.72 32.70
CA GLY D 170 5.78 14.93 31.55
C GLY D 170 5.21 14.51 30.21
N THR D 171 3.91 14.22 30.13
CA THR D 171 3.31 13.77 28.88
C THR D 171 2.90 14.98 28.04
N PHE D 172 3.07 14.86 26.72
CA PHE D 172 2.54 15.88 25.83
C PHE D 172 1.03 15.75 25.73
N VAL D 173 0.33 16.85 25.95
CA VAL D 173 -1.13 16.81 26.00
C VAL D 173 -1.74 17.37 24.72
N CYS D 174 -1.45 18.64 24.42
CA CYS D 174 -2.01 19.28 23.24
C CYS D 174 -1.16 20.49 22.86
N GLU D 175 -1.40 20.98 21.65
CA GLU D 175 -0.70 22.13 21.10
C GLU D 175 -1.65 23.33 21.05
N TYR D 176 -1.10 24.53 21.26
CA TYR D 176 -1.91 25.74 21.17
C TYR D 176 -1.86 26.23 19.74
N VAL D 177 -2.88 25.89 18.95
CA VAL D 177 -2.88 26.19 17.53
C VAL D 177 -3.94 27.25 17.25
N GLY D 178 -3.75 27.96 16.13
CA GLY D 178 -4.63 29.04 15.75
C GLY D 178 -4.12 29.81 14.54
N GLU D 179 -4.50 31.07 14.43
CA GLU D 179 -4.13 31.91 13.31
C GLU D 179 -2.87 32.69 13.67
N LEU D 180 -1.88 32.67 12.78
CA LEU D 180 -0.61 33.35 13.03
C LEU D 180 -0.65 34.74 12.43
N ILE D 181 -0.49 35.76 13.29
CA ILE D 181 -0.60 37.16 12.94
C ILE D 181 0.61 37.91 13.46
N SER D 182 0.76 39.15 12.99
CA SER D 182 1.86 39.99 13.43
C SER D 182 1.50 40.76 14.70
N ASP D 183 2.51 41.29 15.38
CA ASP D 183 2.14 42.02 16.61
C ASP D 183 1.39 43.27 16.19
N SER D 184 1.66 43.74 14.99
CA SER D 184 0.92 44.92 14.50
C SER D 184 -0.54 44.50 14.32
N GLU D 185 -0.79 43.53 13.46
CA GLU D 185 -2.15 43.03 13.20
C GLU D 185 -2.82 42.61 14.49
N ALA D 186 -2.07 42.35 15.53
CA ALA D 186 -2.73 41.97 16.77
C ALA D 186 -3.27 43.18 17.52
N ASP D 187 -2.59 44.32 17.42
CA ASP D 187 -3.01 45.51 18.15
C ASP D 187 -4.31 46.10 17.61
N VAL D 188 -4.66 45.82 16.36
CA VAL D 188 -5.82 46.44 15.73
C VAL D 188 -7.05 45.53 15.75
N ARG D 189 -6.96 44.38 16.40
CA ARG D 189 -8.09 43.46 16.49
C ARG D 189 -8.81 43.63 17.81
N GLU D 190 -10.11 43.34 17.81
CA GLU D 190 -10.97 43.72 18.92
C GLU D 190 -10.61 42.94 20.19
N GLU D 191 -10.75 41.62 20.17
CA GLU D 191 -10.58 40.82 21.37
C GLU D 191 -9.21 40.15 21.39
N ASP D 192 -8.57 40.22 22.56
CA ASP D 192 -7.21 39.72 22.79
C ASP D 192 -7.18 38.54 23.75
N SER D 193 -8.34 38.07 24.22
CA SER D 193 -8.35 37.02 25.22
C SER D 193 -7.84 35.69 24.70
N TYR D 194 -7.56 35.58 23.40
CA TYR D 194 -7.16 34.34 22.77
C TYR D 194 -5.77 34.40 22.13
N LEU D 195 -4.97 35.42 22.46
CA LEU D 195 -3.63 35.52 21.91
C LEU D 195 -2.65 34.67 22.72
N PHE D 196 -1.58 34.25 22.05
CA PHE D 196 -0.44 33.60 22.69
C PHE D 196 0.81 34.14 22.00
N ASP D 197 1.79 34.56 22.79
CA ASP D 197 2.94 35.30 22.27
C ASP D 197 4.15 34.40 22.09
N LEU D 198 4.78 34.52 20.93
CA LEU D 198 5.98 33.76 20.58
C LEU D 198 7.13 34.75 20.43
N ASP D 199 7.97 34.84 21.47
CA ASP D 199 9.15 35.69 21.44
C ASP D 199 8.80 37.16 21.25
N ASN D 200 8.75 37.92 22.35
CA ASN D 200 8.82 39.38 22.28
C ASN D 200 10.24 39.89 22.51
N LYS D 201 11.18 38.98 22.81
CA LYS D 201 12.56 39.34 23.14
C LYS D 201 13.41 39.29 21.88
N ASP D 202 13.12 40.22 20.97
CA ASP D 202 13.80 40.31 19.68
C ASP D 202 13.49 41.64 19.00
N GLY D 203 13.11 41.58 17.71
CA GLY D 203 12.73 42.75 16.95
C GLY D 203 11.29 42.64 16.49
N GLU D 204 11.05 41.87 15.43
CA GLU D 204 9.70 41.58 15.00
C GLU D 204 9.14 40.41 15.82
N VAL D 205 7.88 40.51 16.21
CA VAL D 205 7.24 39.51 17.04
C VAL D 205 5.90 39.14 16.43
N TYR D 206 5.48 37.90 16.67
CA TYR D 206 4.25 37.34 16.15
C TYR D 206 3.51 36.64 17.28
N CYS D 207 2.24 36.33 17.04
CA CYS D 207 1.42 35.62 18.02
C CYS D 207 0.48 34.65 17.30
N ILE D 208 -0.24 33.87 18.10
CA ILE D 208 -1.27 32.96 17.63
C ILE D 208 -2.62 33.42 18.18
N ASP D 209 -3.52 33.82 17.30
CA ASP D 209 -4.87 34.25 17.69
C ASP D 209 -5.83 33.08 17.47
N ALA D 210 -6.28 32.48 18.56
CA ALA D 210 -7.22 31.36 18.50
C ALA D 210 -8.68 31.81 18.61
N ARG D 211 -8.99 33.07 18.28
CA ARG D 211 -10.36 33.55 18.37
C ARG D 211 -11.20 33.07 17.19
N PHE D 212 -10.71 33.27 15.97
CA PHE D 212 -11.46 32.88 14.78
C PHE D 212 -11.16 31.45 14.34
N TYR D 213 -9.93 30.98 14.50
CA TYR D 213 -9.55 29.60 14.22
C TYR D 213 -8.72 29.07 15.38
N GLY D 214 -9.03 27.88 15.85
CA GLY D 214 -8.26 27.31 16.94
C GLY D 214 -8.57 25.85 17.13
N ASN D 215 -7.97 25.27 18.17
CA ASN D 215 -8.30 23.90 18.56
C ASN D 215 -8.77 23.86 20.01
N VAL D 216 -8.78 22.67 20.61
CA VAL D 216 -9.28 22.50 21.96
C VAL D 216 -8.48 23.31 22.98
N SER D 217 -7.26 23.71 22.65
CA SER D 217 -6.47 24.50 23.60
C SER D 217 -7.12 25.83 23.95
N ARG D 218 -7.98 26.36 23.07
CA ARG D 218 -8.54 27.67 23.31
C ARG D 218 -9.52 27.68 24.47
N PHE D 219 -10.00 26.51 24.88
CA PHE D 219 -10.93 26.39 25.99
C PHE D 219 -10.23 26.02 27.30
N ILE D 220 -8.90 25.84 27.28
CA ILE D 220 -8.17 25.56 28.51
C ILE D 220 -8.17 26.80 29.39
N ASN D 221 -8.62 26.63 30.63
CA ASN D 221 -8.80 27.75 31.55
C ASN D 221 -7.52 28.07 32.30
N HIS D 222 -7.53 29.21 32.98
CA HIS D 222 -6.37 29.63 33.76
C HIS D 222 -6.32 28.92 35.10
N HIS D 223 -5.10 28.74 35.61
CA HIS D 223 -4.87 28.09 36.88
C HIS D 223 -3.60 28.65 37.50
N CYS D 224 -3.66 28.97 38.79
CA CYS D 224 -2.48 29.48 39.49
C CYS D 224 -1.57 28.36 39.97
N GLU D 225 -2.09 27.15 40.13
CA GLU D 225 -1.27 25.97 40.36
C GLU D 225 -1.40 25.07 39.14
N PRO D 226 -0.80 25.44 38.01
CA PRO D 226 -1.12 24.76 36.76
C PRO D 226 -0.53 23.36 36.67
N ASN D 227 -1.23 22.49 35.94
CA ASN D 227 -0.73 21.18 35.57
C ASN D 227 -0.19 21.11 34.15
N LEU D 228 -0.17 22.23 33.43
CA LEU D 228 0.38 22.31 32.09
C LEU D 228 1.34 23.49 31.99
N VAL D 229 2.44 23.30 31.29
CA VAL D 229 3.37 24.38 31.02
C VAL D 229 3.62 24.42 29.51
N PRO D 230 3.64 25.61 28.89
CA PRO D 230 3.92 25.69 27.46
C PRO D 230 5.41 25.62 27.17
N VAL D 231 5.77 24.84 26.14
CA VAL D 231 7.14 24.69 25.68
C VAL D 231 7.19 25.03 24.20
N ARG D 232 8.25 25.69 23.77
CA ARG D 232 8.41 26.08 22.37
C ARG D 232 9.12 24.94 21.63
N VAL D 233 8.51 24.47 20.55
CA VAL D 233 9.00 23.31 19.81
C VAL D 233 9.14 23.65 18.34
N PHE D 234 10.20 23.14 17.71
CA PHE D 234 10.41 23.28 16.28
C PHE D 234 10.41 21.89 15.69
N MET D 235 9.66 21.70 14.60
CA MET D 235 9.50 20.38 14.00
C MET D 235 9.82 20.37 12.51
N ALA D 236 8.86 20.79 11.67
CA ALA D 236 9.05 20.74 10.23
C ALA D 236 9.89 21.90 9.71
N HIS D 237 9.95 23.01 10.43
CA HIS D 237 10.77 24.14 10.06
C HIS D 237 11.54 24.61 11.29
N GLN D 238 12.49 25.50 11.07
CA GLN D 238 13.30 26.05 12.16
C GLN D 238 13.40 27.57 12.07
N ASP D 239 12.37 28.20 11.48
CA ASP D 239 12.23 29.65 11.53
C ASP D 239 11.96 30.06 12.97
N LEU D 240 12.97 30.58 13.67
CA LEU D 240 12.81 30.80 15.10
C LEU D 240 11.83 31.93 15.42
N ARG D 241 11.36 32.68 14.42
CA ARG D 241 10.27 33.61 14.65
C ARG D 241 8.95 32.91 14.97
N PHE D 242 8.78 31.66 14.56
CA PHE D 242 7.51 30.95 14.63
C PHE D 242 7.66 29.59 15.33
N PRO D 243 7.88 29.59 16.64
CA PRO D 243 7.83 28.34 17.38
C PRO D 243 6.39 27.86 17.52
N ARG D 244 6.24 26.62 17.94
CA ARG D 244 4.94 26.04 18.20
C ARG D 244 4.83 25.73 19.67
N ILE D 245 3.64 25.93 20.23
CA ILE D 245 3.42 25.89 21.68
C ILE D 245 2.83 24.53 22.05
N ALA D 246 3.64 23.70 22.71
CA ALA D 246 3.21 22.38 23.16
C ALA D 246 3.06 22.37 24.68
N PHE D 247 1.90 21.91 25.17
CA PHE D 247 1.61 21.83 26.59
C PHE D 247 2.00 20.45 27.12
N PHE D 248 2.85 20.41 28.14
CA PHE D 248 3.22 19.17 28.80
C PHE D 248 2.66 19.17 30.22
N SER D 249 2.44 17.98 30.76
CA SER D 249 1.93 17.86 32.13
C SER D 249 3.07 18.04 33.13
N THR D 250 2.86 18.93 34.10
CA THR D 250 3.87 19.17 35.14
C THR D 250 3.84 18.09 36.20
N ARG D 251 2.71 17.44 36.40
CA ARG D 251 2.57 16.40 37.42
C ARG D 251 1.61 15.35 36.87
N LEU D 252 1.17 14.44 37.74
CA LEU D 252 0.15 13.47 37.36
C LEU D 252 -1.20 14.17 37.30
N ILE D 253 -1.88 14.03 36.17
CA ILE D 253 -3.25 14.48 36.02
C ILE D 253 -4.12 13.24 36.02
N GLU D 254 -5.00 13.13 37.01
CA GLU D 254 -5.87 11.97 37.13
C GLU D 254 -7.16 12.18 36.35
N ALA D 255 -7.83 11.08 36.05
CA ALA D 255 -9.07 11.12 35.29
C ALA D 255 -10.07 12.07 35.95
N GLY D 256 -10.69 12.92 35.12
CA GLY D 256 -11.66 13.88 35.59
C GLY D 256 -11.09 15.22 36.01
N GLU D 257 -9.76 15.33 36.10
CA GLU D 257 -9.12 16.58 36.48
C GLU D 257 -9.14 17.58 35.34
N GLN D 258 -9.49 18.83 35.66
CA GLN D 258 -9.46 19.88 34.66
C GLN D 258 -8.03 20.29 34.36
N LEU D 259 -7.80 20.74 33.12
CA LEU D 259 -6.49 21.23 32.73
C LEU D 259 -6.43 22.75 32.90
N GLY D 260 -5.21 23.27 32.94
CA GLY D 260 -5.02 24.70 33.04
C GLY D 260 -3.54 25.03 33.03
N PHE D 261 -3.25 26.28 32.72
CA PHE D 261 -1.88 26.75 32.66
C PHE D 261 -1.84 28.23 33.04
N ASP D 262 -0.67 28.67 33.49
CA ASP D 262 -0.46 30.06 33.87
C ASP D 262 -0.55 30.96 32.64
N TYR D 263 -1.61 31.76 32.56
CA TYR D 263 -1.80 32.69 31.45
C TYR D 263 -0.75 33.78 31.41
N GLY D 264 0.07 33.91 32.44
CA GLY D 264 1.09 34.91 32.48
C GLY D 264 0.58 36.27 32.96
N GLU D 265 1.53 37.07 33.41
CA GLU D 265 1.25 38.35 34.04
C GLU D 265 0.74 39.35 33.01
N ARG D 266 1.02 39.13 31.75
CA ARG D 266 0.50 40.11 30.77
C ARG D 266 -0.99 39.89 30.59
N PHE D 267 -1.50 38.69 30.81
CA PHE D 267 -2.96 38.56 30.69
C PHE D 267 -3.57 39.42 31.79
N TRP D 268 -3.03 39.30 32.99
CA TRP D 268 -3.64 39.90 34.17
C TRP D 268 -3.31 41.37 34.35
N ASP D 269 -2.25 41.86 33.70
CA ASP D 269 -1.99 43.30 33.72
C ASP D 269 -2.93 44.07 32.82
N ILE D 270 -4.00 43.43 32.35
CA ILE D 270 -5.01 44.07 31.51
C ILE D 270 -6.39 43.62 31.96
N LYS D 271 -6.57 42.32 32.18
CA LYS D 271 -7.88 41.75 32.45
C LYS D 271 -8.17 41.53 33.93
N GLY D 272 -7.18 41.73 34.81
CA GLY D 272 -7.49 41.88 36.21
C GLY D 272 -8.25 43.15 36.54
N LYS D 273 -8.31 44.09 35.59
CA LYS D 273 -9.08 45.32 35.76
C LYS D 273 -10.57 45.04 35.68
N LEU D 274 -10.96 44.03 34.92
CA LEU D 274 -12.36 43.77 34.59
C LEU D 274 -12.99 42.67 35.43
N PHE D 275 -12.21 41.75 35.97
CA PHE D 275 -12.74 40.62 36.72
C PHE D 275 -11.60 40.00 37.52
N SER D 276 -11.98 39.13 38.45
CA SER D 276 -11.04 38.42 39.31
C SER D 276 -10.84 37.00 38.80
N CYS D 277 -9.76 36.38 39.26
CA CYS D 277 -9.52 34.97 38.97
C CYS D 277 -10.28 34.10 39.96
N ARG D 278 -10.57 32.88 39.53
CA ARG D 278 -11.34 31.95 40.34
C ARG D 278 -10.86 30.51 40.08
N CYS D 279 -9.55 30.36 40.01
CA CYS D 279 -8.96 29.05 40.04
C CYS D 279 -9.32 28.30 41.31
N GLY D 280 -9.70 29.04 42.36
CA GLY D 280 -10.29 28.47 43.55
C GLY D 280 -9.34 27.53 44.30
N SER D 281 -8.17 28.05 44.66
CA SER D 281 -7.21 27.23 45.38
C SER D 281 -6.29 28.15 46.16
N PRO D 282 -5.79 27.70 47.35
CA PRO D 282 -5.03 28.57 48.26
C PRO D 282 -4.10 29.58 47.62
N LYS D 283 -3.06 29.10 46.93
CA LYS D 283 -1.96 29.97 46.51
C LYS D 283 -2.32 30.85 45.32
N CYS D 284 -3.59 31.23 45.20
CA CYS D 284 -4.01 32.11 44.13
C CYS D 284 -3.28 33.45 44.22
N ARG D 285 -3.03 34.05 43.06
CA ARG D 285 -2.30 35.31 42.98
C ARG D 285 -3.09 36.38 42.23
N HIS D 286 -4.34 36.09 41.82
CA HIS D 286 -5.12 37.07 41.08
C HIS D 286 -6.62 36.97 41.35
N SER D 287 -7.05 36.29 42.41
CA SER D 287 -8.46 36.24 42.76
C SER D 287 -8.91 37.52 43.47
#